data_4WXK
#
_entry.id   4WXK
#
_cell.length_a   41.036
_cell.length_b   80.961
_cell.length_c   98.586
_cell.angle_alpha   90.00
_cell.angle_beta   97.81
_cell.angle_gamma   90.00
#
_symmetry.space_group_name_H-M   'P 1 21 1'
#
loop_
_entity.id
_entity.type
_entity.pdbx_description
1 polymer 'Peptide deformylase'
2 non-polymer 'NICKEL (II) ION'
3 non-polymer GLYCEROL
4 water water
#
_entity_poly.entity_id   1
_entity_poly.type   'polypeptide(L)'
_entity_poly.pdbx_seq_one_letter_code
;MTALNVLIYPDDHLKVVCEPVTEVNDAIRKIVDDMFDTMYQEKGIGLAAPQVDILQRIITIDVEGDKQNQFVLINPEILA
SEGETGIEEGCLSIPGFRALVPRKEKVTVRALDRDGKEFTLDADGLLAICIQHEIDHLNGILFVDYLSPLKRQRIKEKLI
KYKKQIAKS
;
_entity_poly.pdbx_strand_id   A,B,C,D
#
loop_
_chem_comp.id
_chem_comp.type
_chem_comp.name
_chem_comp.formula
GOL non-polymer GLYCEROL 'C3 H8 O3'
NI non-polymer 'NICKEL (II) ION' 'Ni 2'
#
# COMPACT_ATOMS: atom_id res chain seq x y z
N ALA A 3 -2.25 19.76 -4.45
CA ALA A 3 -1.63 21.07 -4.11
C ALA A 3 -0.12 20.98 -4.36
N LEU A 4 0.55 19.98 -3.78
CA LEU A 4 2.00 19.73 -4.05
C LEU A 4 2.11 18.30 -4.50
N ASN A 5 3.17 17.89 -5.19
CA ASN A 5 3.34 16.46 -5.50
C ASN A 5 4.07 15.69 -4.43
N VAL A 6 3.56 14.52 -4.11
CA VAL A 6 4.15 13.65 -3.08
C VAL A 6 5.18 12.76 -3.74
N LEU A 7 6.41 12.84 -3.24
CA LEU A 7 7.45 11.93 -3.69
C LEU A 7 7.12 10.48 -3.29
N ILE A 8 7.29 9.57 -4.26
CA ILE A 8 7.07 8.14 -4.06
C ILE A 8 8.45 7.42 -3.92
N TYR A 9 8.60 6.68 -2.83
CA TYR A 9 9.77 5.82 -2.59
C TYR A 9 10.00 4.86 -3.77
N PRO A 10 11.25 4.73 -4.29
CA PRO A 10 12.45 5.37 -3.83
C PRO A 10 12.68 6.73 -4.42
N ASP A 11 13.22 7.62 -3.62
CA ASP A 11 13.63 8.94 -4.13
C ASP A 11 14.65 9.44 -3.15
N ASP A 12 15.69 10.04 -3.66
CA ASP A 12 16.77 10.58 -2.82
C ASP A 12 16.38 11.60 -1.78
N HIS A 13 15.42 12.45 -2.13
CA HIS A 13 14.97 13.47 -1.17
C HIS A 13 14.09 12.95 -0.01
N LEU A 14 13.77 11.67 -0.05
CA LEU A 14 13.16 10.99 1.06
C LEU A 14 14.22 10.39 2.03
N LYS A 15 15.51 10.55 1.68
CA LYS A 15 16.59 9.98 2.51
CA LYS A 15 16.65 9.97 2.41
C LYS A 15 17.46 11.05 3.17
N VAL A 16 17.07 12.30 3.01
CA VAL A 16 17.85 13.45 3.48
C VAL A 16 17.38 14.00 4.81
N VAL A 17 18.36 14.30 5.63
CA VAL A 17 18.20 14.93 6.90
C VAL A 17 17.96 16.42 6.52
N CYS A 18 16.82 16.95 6.93
CA CYS A 18 16.40 18.26 6.45
C CYS A 18 16.98 19.42 7.33
N GLU A 19 17.14 20.58 6.73
CA GLU A 19 17.54 21.86 7.34
CA GLU A 19 17.59 21.76 7.46
C GLU A 19 16.43 22.41 8.25
N PRO A 20 16.75 22.90 9.46
CA PRO A 20 15.71 23.61 10.25
C PRO A 20 15.19 24.81 9.49
N VAL A 21 13.95 25.23 9.78
CA VAL A 21 13.38 26.46 9.24
C VAL A 21 14.11 27.61 9.89
N THR A 22 14.56 28.57 9.11
CA THR A 22 15.35 29.61 9.72
C THR A 22 14.38 30.62 10.37
N GLU A 23 13.33 31.03 9.67
CA GLU A 23 12.19 31.72 10.34
C GLU A 23 10.77 31.43 9.78
N VAL A 24 9.80 31.34 10.69
CA VAL A 24 8.44 31.03 10.31
C VAL A 24 7.75 32.33 9.89
N ASN A 25 7.79 32.58 8.59
CA ASN A 25 7.21 33.76 7.98
C ASN A 25 6.06 33.28 7.10
N ASP A 26 5.55 34.19 6.27
CA ASP A 26 4.42 33.87 5.38
C ASP A 26 4.74 32.73 4.41
N ALA A 27 5.93 32.76 3.84
CA ALA A 27 6.32 31.72 2.86
C ALA A 27 6.25 30.29 3.50
N ILE A 28 6.66 30.19 4.76
CA ILE A 28 6.59 28.93 5.52
C ILE A 28 5.13 28.53 5.83
N ARG A 29 4.31 29.51 6.25
CA ARG A 29 2.88 29.24 6.45
C ARG A 29 2.24 28.80 5.16
N LYS A 30 2.63 29.34 4.02
CA LYS A 30 2.09 28.82 2.77
C LYS A 30 2.43 27.35 2.47
N ILE A 31 3.66 26.93 2.78
CA ILE A 31 4.05 25.54 2.64
C ILE A 31 3.22 24.71 3.58
N VAL A 32 3.09 25.14 4.81
CA VAL A 32 2.26 24.43 5.77
C VAL A 32 0.79 24.24 5.27
N ASP A 33 0.16 25.29 4.78
CA ASP A 33 -1.23 25.19 4.25
C ASP A 33 -1.26 24.32 3.00
N ASP A 34 -0.25 24.43 2.16
CA ASP A 34 -0.21 23.59 0.97
C ASP A 34 -0.06 22.14 1.38
N MET A 35 0.70 21.92 2.45
CA MET A 35 0.92 20.52 2.95
C MET A 35 -0.36 19.94 3.50
N PHE A 36 -1.08 20.74 4.30
CA PHE A 36 -2.35 20.24 4.82
C PHE A 36 -3.28 19.92 3.63
N ASP A 37 -3.32 20.76 2.62
CA ASP A 37 -4.25 20.48 1.50
C ASP A 37 -3.87 19.18 0.83
N THR A 38 -2.59 19.02 0.56
CA THR A 38 -2.10 17.82 -0.02
C THR A 38 -2.50 16.63 0.88
N MET A 39 -2.18 16.75 2.15
CA MET A 39 -2.41 15.64 3.09
C MET A 39 -3.90 15.19 3.12
N TYR A 40 -4.82 16.16 3.24
CA TYR A 40 -6.26 15.80 3.24
C TYR A 40 -6.73 15.26 1.93
N GLN A 41 -6.26 15.81 0.82
CA GLN A 41 -6.61 15.31 -0.48
C GLN A 41 -6.26 13.85 -0.68
N GLU A 42 -5.12 13.39 -0.13
CA GLU A 42 -4.69 12.01 -0.23
C GLU A 42 -5.08 11.21 1.00
N LYS A 43 -5.94 11.78 1.81
CA LYS A 43 -6.37 11.11 3.01
C LYS A 43 -5.22 10.61 3.91
N GLY A 44 -4.16 11.40 4.10
CA GLY A 44 -3.17 11.07 5.13
C GLY A 44 -3.53 11.71 6.46
N ILE A 45 -2.90 11.21 7.51
CA ILE A 45 -3.01 11.83 8.84
C ILE A 45 -1.70 12.54 9.27
N GLY A 46 -0.66 12.42 8.43
CA GLY A 46 0.59 13.15 8.63
C GLY A 46 1.32 13.39 7.32
N LEU A 47 2.10 14.48 7.27
CA LEU A 47 2.98 14.74 6.15
C LEU A 47 4.19 15.46 6.63
N ALA A 48 5.34 15.17 6.03
CA ALA A 48 6.53 15.90 6.29
C ALA A 48 7.01 16.56 4.98
N ALA A 49 7.62 17.72 5.10
CA ALA A 49 8.02 18.50 3.94
C ALA A 49 8.85 17.76 2.87
N PRO A 50 9.81 16.91 3.29
CA PRO A 50 10.60 16.19 2.28
C PRO A 50 9.75 15.29 1.40
N GLN A 51 8.62 14.84 1.89
CA GLN A 51 7.66 14.10 1.02
C GLN A 51 7.08 14.90 -0.07
N VAL A 52 7.08 16.22 0.05
CA VAL A 52 6.64 17.10 -1.05
C VAL A 52 7.84 17.87 -1.59
N ASP A 53 9.01 17.28 -1.38
CA ASP A 53 10.26 17.74 -2.00
C ASP A 53 10.69 19.07 -1.46
N ILE A 54 10.40 19.35 -0.19
CA ILE A 54 10.93 20.54 0.44
C ILE A 54 11.78 20.10 1.59
N LEU A 55 13.06 20.43 1.49
CA LEU A 55 14.04 19.85 2.44
C LEU A 55 14.17 20.69 3.72
N GLN A 56 13.01 20.95 4.37
CA GLN A 56 12.98 21.63 5.65
C GLN A 56 12.25 20.85 6.74
N ARG A 57 12.50 21.27 7.98
CA ARG A 57 11.98 20.56 9.14
C ARG A 57 10.55 21.05 9.47
N ILE A 58 9.60 20.57 8.70
CA ILE A 58 8.19 20.98 8.75
C ILE A 58 7.31 19.76 8.64
N ILE A 59 6.43 19.63 9.62
CA ILE A 59 5.44 18.53 9.73
C ILE A 59 4.02 19.05 9.93
N THR A 60 3.06 18.44 9.26
CA THR A 60 1.62 18.69 9.48
C THR A 60 0.96 17.39 9.85
N ILE A 61 0.23 17.37 10.96
CA ILE A 61 -0.48 16.19 11.42
C ILE A 61 -1.96 16.55 11.72
N ASP A 62 -2.86 15.59 11.43
CA ASP A 62 -4.29 15.66 11.75
C ASP A 62 -4.77 14.23 11.88
N VAL A 63 -4.71 13.75 13.11
CA VAL A 63 -5.00 12.37 13.41
C VAL A 63 -6.48 12.02 13.16
N GLU A 64 -7.38 12.96 13.36
CA GLU A 64 -8.83 12.71 13.13
C GLU A 64 -9.25 13.06 11.69
N GLY A 65 -8.59 14.02 11.07
CA GLY A 65 -8.81 14.30 9.66
C GLY A 65 -9.87 15.36 9.39
N ASP A 66 -10.28 16.10 10.43
CA ASP A 66 -11.39 17.04 10.35
C ASP A 66 -11.05 18.47 10.79
N LYS A 67 -9.76 18.76 10.89
CA LYS A 67 -9.23 20.10 11.17
C LYS A 67 -9.52 20.62 12.60
N GLN A 68 -9.97 19.75 13.49
CA GLN A 68 -10.26 20.15 14.89
C GLN A 68 -9.18 19.72 15.92
N ASN A 69 -8.05 19.21 15.45
CA ASN A 69 -6.88 19.21 16.30
C ASN A 69 -5.68 19.06 15.39
N GLN A 70 -5.45 20.13 14.65
CA GLN A 70 -4.31 20.21 13.80
C GLN A 70 -3.02 20.36 14.59
N PHE A 71 -1.93 19.93 13.99
CA PHE A 71 -0.63 20.12 14.59
C PHE A 71 0.32 20.45 13.49
N VAL A 72 0.99 21.57 13.71
CA VAL A 72 2.11 21.95 12.94
C VAL A 72 3.28 21.83 13.85
N LEU A 73 4.30 21.10 13.40
CA LEU A 73 5.54 20.99 14.14
C LEU A 73 6.70 21.44 13.27
N ILE A 74 7.24 22.61 13.59
CA ILE A 74 8.36 23.14 12.85
C ILE A 74 9.63 23.04 13.72
N ASN A 75 10.73 22.57 13.15
CA ASN A 75 11.96 22.26 13.87
C ASN A 75 11.70 21.44 15.14
N PRO A 76 10.94 20.39 15.01
CA PRO A 76 10.57 19.64 16.18
C PRO A 76 11.73 18.85 16.75
N GLU A 77 11.70 18.53 18.05
CA GLU A 77 12.69 17.69 18.70
C GLU A 77 11.97 16.94 19.84
N ILE A 78 12.18 15.63 19.90
CA ILE A 78 11.64 14.77 20.96
C ILE A 78 12.56 15.01 22.13
N LEU A 79 12.03 15.51 23.26
CA LEU A 79 12.82 15.79 24.44
C LEU A 79 12.92 14.60 25.37
N ALA A 80 11.89 13.78 25.36
CA ALA A 80 11.78 12.66 26.25
C ALA A 80 10.64 11.73 25.73
N SER A 81 10.68 10.48 26.17
CA SER A 81 9.70 9.47 25.77
C SER A 81 9.73 8.26 26.71
N GLU A 82 8.71 7.43 26.62
CA GLU A 82 8.65 6.21 27.43
C GLU A 82 7.58 5.24 26.89
N GLY A 83 7.61 4.00 27.36
CA GLY A 83 6.62 3.00 26.94
C GLY A 83 7.03 2.40 25.58
N GLU A 84 6.29 1.40 25.15
CA GLU A 84 6.61 0.67 23.94
C GLU A 84 5.28 0.41 23.27
N THR A 85 5.23 0.58 21.95
CA THR A 85 4.05 0.27 21.22
C THR A 85 4.43 -0.03 19.72
N GLY A 86 3.44 -0.33 18.92
CA GLY A 86 3.66 -0.47 17.48
C GLY A 86 2.35 -0.78 16.79
N ILE A 87 2.04 -0.07 15.69
CA ILE A 87 0.96 -0.37 14.86
C ILE A 87 1.48 -0.63 13.42
N GLU A 88 0.56 -1.04 12.57
CA GLU A 88 0.87 -1.24 11.15
CA GLU A 88 0.81 -1.24 11.15
C GLU A 88 0.81 0.13 10.51
N GLU A 89 1.99 0.71 10.27
CA GLU A 89 2.03 2.07 9.74
C GLU A 89 2.02 2.01 8.24
N GLY A 90 1.33 2.98 7.69
CA GLY A 90 1.50 3.35 6.28
C GLY A 90 2.05 4.75 6.09
N CYS A 91 2.11 5.18 4.83
CA CYS A 91 2.83 6.40 4.46
C CYS A 91 2.47 6.73 3.04
N LEU A 92 2.10 7.96 2.83
CA LEU A 92 1.70 8.43 1.49
C LEU A 92 2.84 8.28 0.47
N SER A 93 4.11 8.35 0.90
CA SER A 93 5.22 8.13 -0.05
C SER A 93 5.47 6.66 -0.28
N ILE A 94 4.74 5.79 0.41
CA ILE A 94 4.95 4.37 0.24
C ILE A 94 3.60 3.69 0.07
N PRO A 95 2.91 4.05 -1.02
CA PRO A 95 1.54 3.65 -1.14
C PRO A 95 1.43 2.12 -1.29
N GLY A 96 0.40 1.56 -0.68
CA GLY A 96 0.08 0.15 -0.92
C GLY A 96 0.75 -0.78 0.09
N PHE A 97 1.51 -0.23 1.04
CA PHE A 97 2.25 -1.05 2.04
C PHE A 97 2.01 -0.57 3.48
N ARG A 98 1.92 -1.51 4.40
CA ARG A 98 1.90 -1.23 5.83
C ARG A 98 2.80 -2.22 6.54
N ALA A 99 3.54 -1.75 7.55
CA ALA A 99 4.38 -2.61 8.40
C ALA A 99 4.37 -2.19 9.88
N LEU A 100 4.52 -3.18 10.74
CA LEU A 100 4.52 -2.98 12.19
C LEU A 100 5.81 -2.30 12.58
N VAL A 101 5.78 -1.07 13.11
CA VAL A 101 7.01 -0.39 13.48
C VAL A 101 7.08 -0.17 15.01
N PRO A 102 8.18 -0.57 15.64
CA PRO A 102 8.29 -0.37 17.08
C PRO A 102 8.48 1.10 17.40
N ARG A 103 7.65 1.63 18.29
CA ARG A 103 7.71 3.05 18.63
C ARG A 103 7.63 3.23 20.14
N LYS A 104 7.96 4.45 20.57
CA LYS A 104 7.71 4.84 21.92
C LYS A 104 6.22 5.06 22.08
N GLU A 105 5.67 4.72 23.25
CA GLU A 105 4.21 4.88 23.45
C GLU A 105 3.87 6.34 23.67
N LYS A 106 4.75 7.02 24.37
CA LYS A 106 4.60 8.39 24.80
C LYS A 106 5.83 9.20 24.46
N VAL A 107 5.58 10.39 23.92
CA VAL A 107 6.64 11.38 23.66
C VAL A 107 6.30 12.82 24.16
N THR A 108 7.36 13.52 24.60
CA THR A 108 7.31 14.96 24.77
C THR A 108 8.15 15.59 23.68
N VAL A 109 7.52 16.48 22.95
CA VAL A 109 8.12 17.12 21.79
C VAL A 109 8.06 18.64 21.91
N ARG A 110 9.13 19.34 21.54
CA ARG A 110 9.03 20.78 21.39
C ARG A 110 9.16 21.10 19.93
N ALA A 111 8.51 22.18 19.53
CA ALA A 111 8.51 22.61 18.14
C ALA A 111 7.96 24.04 18.08
N LEU A 112 8.05 24.64 16.91
CA LEU A 112 7.43 25.90 16.64
C LEU A 112 6.12 25.63 15.93
N ASP A 113 5.11 26.43 16.27
CA ASP A 113 3.80 26.36 15.62
C ASP A 113 3.80 27.26 14.37
N ARG A 114 2.64 27.38 13.70
CA ARG A 114 2.56 28.04 12.39
C ARG A 114 2.91 29.53 12.46
N ASP A 115 2.82 30.10 13.67
CA ASP A 115 3.18 31.49 13.91
C ASP A 115 4.60 31.65 14.40
N GLY A 116 5.37 30.58 14.47
CA GLY A 116 6.72 30.72 14.99
C GLY A 116 6.82 30.65 16.49
N LYS A 117 5.72 30.35 17.17
CA LYS A 117 5.74 30.29 18.63
C LYS A 117 6.11 28.88 19.08
N GLU A 118 7.04 28.81 20.02
CA GLU A 118 7.44 27.54 20.58
C GLU A 118 6.37 26.93 21.42
N PHE A 119 6.17 25.62 21.31
CA PHE A 119 5.34 24.91 22.27
C PHE A 119 6.01 23.58 22.60
N THR A 120 5.56 22.98 23.71
CA THR A 120 6.08 21.71 24.14
C THR A 120 4.87 20.90 24.44
N LEU A 121 4.73 19.75 23.74
CA LEU A 121 3.51 18.89 23.74
C LEU A 121 3.78 17.45 24.25
N ASP A 122 2.96 16.97 25.17
CA ASP A 122 2.93 15.51 25.54
C ASP A 122 1.94 14.76 24.67
N ALA A 123 2.34 13.63 24.06
CA ALA A 123 1.44 12.85 23.20
C ALA A 123 1.52 11.40 23.56
N ASP A 124 0.46 10.69 23.23
CA ASP A 124 0.45 9.26 23.32
C ASP A 124 -0.41 8.76 22.20
N GLY A 125 -0.66 7.46 22.21
CA GLY A 125 -1.60 6.86 21.27
C GLY A 125 -1.06 7.15 19.87
N LEU A 126 -1.99 7.34 18.94
CA LEU A 126 -1.74 7.39 17.54
C LEU A 126 -0.99 8.68 17.22
N LEU A 127 -1.31 9.77 17.97
CA LEU A 127 -0.60 11.00 17.83
C LEU A 127 0.90 10.84 18.06
N ALA A 128 1.29 10.14 19.14
CA ALA A 128 2.71 9.93 19.44
C ALA A 128 3.37 9.12 18.30
N ILE A 129 2.64 8.16 17.75
CA ILE A 129 3.19 7.34 16.68
C ILE A 129 3.43 8.18 15.42
N CYS A 130 2.47 9.04 15.12
CA CYS A 130 2.55 9.91 13.95
C CYS A 130 3.65 10.88 14.06
N ILE A 131 3.81 11.46 15.26
CA ILE A 131 4.89 12.40 15.53
C ILE A 131 6.26 11.75 15.25
N GLN A 132 6.46 10.53 15.76
CA GLN A 132 7.76 9.77 15.58
C GLN A 132 8.00 9.38 14.10
N HIS A 133 6.93 8.97 13.43
CA HIS A 133 6.97 8.70 12.00
C HIS A 133 7.40 9.91 11.20
N GLU A 134 6.74 11.04 11.44
CA GLU A 134 6.99 12.22 10.67
C GLU A 134 8.34 12.87 10.97
N ILE A 135 8.77 12.77 12.25
CA ILE A 135 10.10 13.21 12.57
C ILE A 135 11.14 12.34 11.84
N ASP A 136 10.86 11.05 11.72
CA ASP A 136 11.78 10.17 11.00
C ASP A 136 12.00 10.74 9.62
N HIS A 137 10.92 11.20 8.94
CA HIS A 137 11.06 11.79 7.61
C HIS A 137 12.08 12.95 7.55
N LEU A 138 12.08 13.77 8.59
CA LEU A 138 12.96 14.90 8.66
C LEU A 138 14.38 14.49 8.81
N ASN A 139 14.57 13.25 9.23
CA ASN A 139 15.90 12.68 9.23
C ASN A 139 16.13 11.70 8.13
N GLY A 140 15.27 11.68 7.12
CA GLY A 140 15.54 10.83 5.95
C GLY A 140 15.27 9.35 6.21
N ILE A 141 14.46 9.08 7.24
CA ILE A 141 14.14 7.68 7.64
C ILE A 141 12.65 7.35 7.32
N LEU A 142 12.45 6.18 6.73
CA LEU A 142 11.14 5.71 6.31
C LEU A 142 10.82 4.43 7.05
N PHE A 143 9.53 4.06 7.03
CA PHE A 143 9.15 2.93 7.83
C PHE A 143 9.79 1.67 7.30
N VAL A 144 10.05 1.65 5.98
CA VAL A 144 10.70 0.49 5.40
C VAL A 144 12.14 0.25 5.93
N ASP A 145 12.77 1.28 6.47
CA ASP A 145 14.10 1.14 7.12
C ASP A 145 14.07 0.30 8.37
N TYR A 146 12.89 0.02 8.91
CA TYR A 146 12.88 -0.87 10.02
C TYR A 146 12.66 -2.28 9.58
N LEU A 147 12.58 -2.54 8.27
CA LEU A 147 12.35 -3.91 7.78
C LEU A 147 13.70 -4.49 7.45
N SER A 148 13.71 -5.79 7.15
CA SER A 148 14.91 -6.46 6.75
C SER A 148 15.29 -5.88 5.39
N PRO A 149 16.59 -5.91 5.05
CA PRO A 149 17.04 -5.36 3.77
C PRO A 149 16.29 -5.91 2.58
N LEU A 150 16.03 -7.21 2.61
CA LEU A 150 15.37 -7.91 1.46
C LEU A 150 13.87 -7.51 1.37
N LYS A 151 13.20 -7.46 2.53
CA LYS A 151 11.82 -6.96 2.49
C LYS A 151 11.70 -5.52 1.94
N ARG A 152 12.58 -4.62 2.37
CA ARG A 152 12.58 -3.24 1.93
C ARG A 152 12.85 -3.18 0.44
N GLN A 153 13.78 -4.02 -0.01
CA GLN A 153 14.14 -4.07 -1.41
C GLN A 153 12.94 -4.50 -2.27
N ARG A 154 12.17 -5.45 -1.78
CA ARG A 154 11.08 -5.97 -2.57
C ARG A 154 9.99 -4.90 -2.66
N ILE A 155 9.82 -4.13 -1.56
CA ILE A 155 8.93 -2.98 -1.63
C ILE A 155 9.43 -1.96 -2.66
N LYS A 156 10.71 -1.64 -2.62
CA LYS A 156 11.30 -0.68 -3.52
C LYS A 156 11.08 -1.09 -5.00
N GLU A 157 11.29 -2.37 -5.32
CA GLU A 157 11.10 -2.88 -6.68
C GLU A 157 9.67 -2.69 -7.18
N LYS A 158 8.74 -3.05 -6.31
CA LYS A 158 7.32 -2.90 -6.59
C LYS A 158 6.96 -1.43 -6.84
N LEU A 159 7.54 -0.49 -6.10
CA LEU A 159 7.15 0.92 -6.30
C LEU A 159 7.83 1.53 -7.50
N ILE A 160 9.04 1.09 -7.75
CA ILE A 160 9.76 1.51 -8.98
C ILE A 160 8.87 1.21 -10.14
N LYS A 161 8.24 0.04 -10.10
CA LYS A 161 7.39 -0.35 -11.23
C LYS A 161 6.14 0.49 -11.26
N TYR A 162 5.52 0.64 -10.09
CA TYR A 162 4.32 1.43 -9.98
C TYR A 162 4.56 2.80 -10.55
N LYS A 163 5.66 3.44 -10.13
CA LYS A 163 5.96 4.78 -10.52
C LYS A 163 6.11 4.93 -12.06
N LYS A 164 6.65 3.91 -12.72
CA LYS A 164 6.73 3.90 -14.22
C LYS A 164 5.35 3.87 -14.82
N GLN A 165 4.55 2.94 -14.32
CA GLN A 165 3.22 2.71 -14.78
C GLN A 165 2.32 3.88 -14.50
N ILE A 166 2.66 4.75 -13.57
CA ILE A 166 1.85 5.96 -13.45
C ILE A 166 2.13 6.95 -14.57
N ALA B 3 41.64 6.34 -4.67
CA ALA B 3 41.46 7.77 -4.94
C ALA B 3 39.98 7.95 -5.10
N LEU B 4 39.19 7.54 -4.10
CA LEU B 4 37.76 7.88 -4.13
C LEU B 4 37.67 9.38 -4.00
N ASN B 5 36.64 9.98 -4.54
CA ASN B 5 36.45 11.39 -4.41
C ASN B 5 35.57 11.68 -3.20
N VAL B 6 35.93 12.76 -2.55
CA VAL B 6 35.26 13.26 -1.39
C VAL B 6 34.12 14.16 -1.90
N LEU B 7 32.90 13.87 -1.47
CA LEU B 7 31.79 14.74 -1.69
C LEU B 7 32.04 16.10 -1.04
N ILE B 8 31.72 17.15 -1.78
CA ILE B 8 31.91 18.51 -1.32
C ILE B 8 30.50 19.10 -1.05
N TYR B 9 30.32 19.69 0.11
CA TYR B 9 29.01 20.33 0.52
C TYR B 9 28.67 21.49 -0.42
N PRO B 10 27.39 21.65 -0.81
CA PRO B 10 26.18 20.84 -0.44
C PRO B 10 26.11 19.60 -1.29
N ASP B 11 25.81 18.49 -0.65
CA ASP B 11 25.49 17.26 -1.38
C ASP B 11 24.53 16.42 -0.53
N ASP B 12 23.43 15.98 -1.15
CA ASP B 12 22.40 15.23 -0.43
C ASP B 12 22.99 14.04 0.32
N HIS B 13 24.03 13.43 -0.25
CA HIS B 13 24.65 12.27 0.44
C HIS B 13 25.51 12.52 1.69
N LEU B 14 25.81 13.79 1.91
CA LEU B 14 26.42 14.26 3.18
C LEU B 14 25.34 14.44 4.27
N LYS B 15 24.08 14.21 3.95
CA LYS B 15 23.02 14.48 4.89
C LYS B 15 22.11 13.23 4.91
N VAL B 16 22.75 12.06 4.95
CA VAL B 16 22.04 10.79 5.01
C VAL B 16 22.50 10.02 6.26
N VAL B 17 21.54 9.51 7.02
CA VAL B 17 21.83 8.56 8.10
C VAL B 17 22.25 7.22 7.51
N CYS B 18 23.46 6.78 7.82
CA CYS B 18 24.05 5.63 7.16
C CYS B 18 23.57 4.37 7.88
N GLU B 19 23.39 3.31 7.09
CA GLU B 19 23.03 1.98 7.58
C GLU B 19 24.23 1.25 8.22
N PRO B 20 24.01 0.51 9.32
CA PRO B 20 25.07 -0.28 9.91
C PRO B 20 25.62 -1.23 8.89
N VAL B 21 26.89 -1.52 9.00
CA VAL B 21 27.54 -2.56 8.21
C VAL B 21 26.94 -3.90 8.73
N THR B 22 26.44 -4.74 7.86
CA THR B 22 25.84 -6.00 8.31
C THR B 22 26.91 -7.04 8.52
N GLU B 23 27.90 -7.12 7.65
CA GLU B 23 28.99 -8.09 7.81
C GLU B 23 30.34 -7.45 7.42
N VAL B 24 31.34 -7.55 8.30
CA VAL B 24 32.68 -7.02 7.99
C VAL B 24 33.46 -8.04 7.18
N ASN B 25 33.29 -7.97 5.87
CA ASN B 25 33.92 -8.90 4.97
C ASN B 25 35.02 -8.28 4.12
N ASP B 26 35.52 -9.01 3.16
CA ASP B 26 36.56 -8.51 2.27
C ASP B 26 36.15 -7.22 1.54
N ALA B 27 34.93 -7.14 1.03
CA ALA B 27 34.43 -5.92 0.41
C ALA B 27 34.55 -4.71 1.36
N ILE B 28 34.09 -4.87 2.60
CA ILE B 28 34.19 -3.80 3.61
C ILE B 28 35.62 -3.39 3.87
N ARG B 29 36.51 -4.36 3.95
CA ARG B 29 37.95 -4.11 4.13
C ARG B 29 38.55 -3.40 3.00
N LYS B 30 38.07 -3.66 1.80
CA LYS B 30 38.62 -2.93 0.67
C LYS B 30 38.11 -1.48 0.75
N ILE B 31 36.86 -1.29 1.15
CA ILE B 31 36.33 0.08 1.31
C ILE B 31 37.15 0.84 2.38
N VAL B 32 37.45 0.18 3.49
CA VAL B 32 38.28 0.79 4.51
C VAL B 32 39.65 1.21 3.94
N ASP B 33 40.31 0.34 3.20
CA ASP B 33 41.62 0.68 2.59
C ASP B 33 41.48 1.84 1.61
N ASP B 34 40.38 1.91 0.84
CA ASP B 34 40.24 3.00 -0.11
C ASP B 34 39.95 4.33 0.66
N MET B 35 39.27 4.20 1.80
CA MET B 35 39.06 5.36 2.68
C MET B 35 40.42 5.87 3.25
N PHE B 36 41.27 5.00 3.77
CA PHE B 36 42.62 5.44 4.13
C PHE B 36 43.34 6.08 2.95
N ASP B 37 43.36 5.43 1.79
CA ASP B 37 44.08 6.05 0.65
C ASP B 37 43.57 7.47 0.36
N THR B 38 42.25 7.64 0.35
CA THR B 38 41.65 8.94 0.02
C THR B 38 41.98 9.95 1.13
N MET B 39 41.83 9.51 2.37
CA MET B 39 42.19 10.33 3.53
C MET B 39 43.66 10.90 3.50
N TYR B 40 44.60 10.02 3.19
CA TYR B 40 45.99 10.39 3.09
C TYR B 40 46.29 11.26 1.88
N GLN B 41 45.69 10.92 0.74
CA GLN B 41 45.91 11.69 -0.50
C GLN B 41 45.37 13.07 -0.32
N GLU B 42 44.23 13.19 0.38
CA GLU B 42 43.57 14.50 0.56
C GLU B 42 44.02 15.25 1.80
N LYS B 43 44.89 14.62 2.63
CA LYS B 43 45.48 15.19 3.83
C LYS B 43 44.52 15.38 4.96
N GLY B 44 43.60 14.48 5.12
CA GLY B 44 42.67 14.65 6.24
C GLY B 44 43.11 13.93 7.48
N ILE B 45 42.51 14.35 8.59
CA ILE B 45 42.65 13.70 9.85
C ILE B 45 41.70 12.50 10.01
N GLY B 46 40.47 12.68 9.53
CA GLY B 46 39.45 11.70 9.66
C GLY B 46 38.59 11.64 8.43
N LEU B 47 37.88 10.53 8.27
CA LEU B 47 37.04 10.37 7.15
C LEU B 47 35.92 9.45 7.50
N ALA B 48 34.72 9.84 7.12
CA ALA B 48 33.58 8.92 7.20
C ALA B 48 33.13 8.48 5.84
N ALA B 49 32.62 7.23 5.73
CA ALA B 49 32.16 6.63 4.47
C ALA B 49 31.19 7.47 3.60
N PRO B 50 30.20 8.15 4.20
CA PRO B 50 29.36 9.01 3.37
C PRO B 50 30.12 10.11 2.68
N GLN B 51 31.26 10.55 3.26
CA GLN B 51 32.10 11.54 2.54
C GLN B 51 32.67 11.01 1.22
N VAL B 52 32.73 9.71 1.05
CA VAL B 52 33.10 9.17 -0.31
C VAL B 52 31.91 8.42 -0.91
N ASP B 53 30.72 8.88 -0.60
CA ASP B 53 29.50 8.36 -1.14
C ASP B 53 29.21 6.87 -0.84
N ILE B 54 29.67 6.42 0.30
CA ILE B 54 29.40 5.04 0.73
C ILE B 54 28.52 5.17 1.99
N LEU B 55 27.26 4.82 1.86
CA LEU B 55 26.28 5.13 2.90
C LEU B 55 26.22 4.06 3.99
N GLN B 56 27.37 3.81 4.60
CA GLN B 56 27.54 2.85 5.68
C GLN B 56 28.33 3.38 6.87
N ARG B 57 28.20 2.70 8.00
CA ARG B 57 28.70 3.24 9.29
C ARG B 57 30.17 2.84 9.48
N ILE B 58 31.02 3.52 8.69
CA ILE B 58 32.45 3.26 8.65
C ILE B 58 33.20 4.57 8.78
N ILE B 59 34.11 4.60 9.73
CA ILE B 59 34.98 5.77 9.95
C ILE B 59 36.47 5.36 9.97
N THR B 60 37.34 6.16 9.33
CA THR B 60 38.80 6.05 9.48
C THR B 60 39.43 7.32 10.04
N ILE B 61 40.27 7.17 11.06
CA ILE B 61 40.97 8.30 11.73
C ILE B 61 42.47 7.94 11.86
N ASP B 62 43.32 8.92 11.54
CA ASP B 62 44.73 8.89 11.82
C ASP B 62 45.19 10.30 12.15
N VAL B 63 45.33 10.60 13.44
CA VAL B 63 45.50 11.99 13.87
C VAL B 63 46.86 12.54 13.43
N GLU B 64 47.94 11.82 13.70
CA GLU B 64 49.25 12.32 13.34
C GLU B 64 49.55 12.19 11.84
N GLY B 65 48.89 11.25 11.20
CA GLY B 65 49.02 11.13 9.80
C GLY B 65 50.10 10.20 9.32
N ASP B 66 50.82 9.58 10.25
CA ASP B 66 51.99 8.72 9.94
C ASP B 66 51.73 7.21 9.86
N LYS B 67 50.46 6.79 9.96
CA LYS B 67 50.07 5.38 9.82
C LYS B 67 50.43 4.56 11.02
N GLN B 68 50.90 5.17 12.11
CA GLN B 68 51.28 4.42 13.29
C GLN B 68 50.12 4.04 14.16
N ASN B 69 49.11 4.91 14.23
CA ASN B 69 47.97 4.68 15.07
C ASN B 69 46.71 4.98 14.33
N GLN B 70 46.35 4.08 13.45
CA GLN B 70 45.19 4.24 12.62
C GLN B 70 44.05 3.66 13.42
N PHE B 71 42.88 4.25 13.29
CA PHE B 71 41.68 3.70 13.88
C PHE B 71 40.65 3.49 12.80
N VAL B 72 39.99 2.34 12.88
CA VAL B 72 38.89 1.97 12.05
C VAL B 72 37.74 1.79 13.03
N LEU B 73 36.65 2.51 12.80
CA LEU B 73 35.48 2.35 13.58
C LEU B 73 34.33 1.97 12.66
N ILE B 74 33.88 0.73 12.78
CA ILE B 74 32.71 0.24 12.06
C ILE B 74 31.56 0.06 13.07
N ASN B 75 30.38 0.56 12.73
CA ASN B 75 29.20 0.56 13.61
C ASN B 75 29.54 1.15 14.98
N PRO B 76 30.21 2.30 15.02
CA PRO B 76 30.57 2.85 16.31
C PRO B 76 29.33 3.22 17.16
N GLU B 77 29.50 3.22 18.47
CA GLU B 77 28.51 3.70 19.42
C GLU B 77 29.24 4.36 20.60
N ILE B 78 28.80 5.53 21.01
CA ILE B 78 29.42 6.20 22.14
C ILE B 78 28.82 5.54 23.38
N LEU B 79 29.63 4.93 24.22
CA LEU B 79 29.09 4.33 25.46
C LEU B 79 28.90 5.41 26.55
N ALA B 80 29.77 6.38 26.57
CA ALA B 80 29.73 7.41 27.59
C ALA B 80 30.59 8.58 27.15
N SER B 81 30.34 9.74 27.74
CA SER B 81 31.17 10.88 27.45
C SER B 81 30.99 11.89 28.52
N GLU B 82 31.99 12.77 28.67
CA GLU B 82 32.09 13.72 29.79
C GLU B 82 32.75 14.99 29.37
N GLY B 83 32.46 16.07 30.09
CA GLY B 83 33.24 17.31 29.98
C GLY B 83 32.82 18.10 28.76
N GLU B 84 33.51 19.17 28.49
CA GLU B 84 33.06 20.05 27.40
C GLU B 84 34.28 20.70 26.83
N THR B 85 34.22 20.95 25.54
CA THR B 85 35.38 21.40 24.80
C THR B 85 34.89 21.89 23.44
N GLY B 86 35.79 22.42 22.67
CA GLY B 86 35.40 22.91 21.36
C GLY B 86 36.70 23.41 20.70
N ILE B 87 36.80 23.19 19.41
CA ILE B 87 37.86 23.78 18.65
C ILE B 87 37.25 24.09 17.31
N GLU B 88 37.90 24.97 16.55
CA GLU B 88 37.44 25.23 15.21
C GLU B 88 37.85 23.99 14.35
N GLU B 89 36.85 23.22 13.98
CA GLU B 89 37.02 21.94 13.30
C GLU B 89 36.96 22.17 11.78
N GLY B 90 37.75 21.41 11.07
CA GLY B 90 37.76 21.39 9.64
C GLY B 90 37.17 20.10 9.18
N CYS B 91 37.01 20.01 7.88
CA CYS B 91 36.36 18.89 7.25
C CYS B 91 36.71 18.85 5.78
N LEU B 92 37.14 17.67 5.30
CA LEU B 92 37.43 17.58 3.87
C LEU B 92 36.23 17.89 3.00
N SER B 93 35.03 17.57 3.46
CA SER B 93 33.84 17.84 2.65
C SER B 93 33.39 19.29 2.71
N ILE B 94 34.05 20.11 3.52
CA ILE B 94 33.72 21.58 3.66
C ILE B 94 35.03 22.35 3.61
N PRO B 95 35.73 22.25 2.45
CA PRO B 95 37.12 22.65 2.40
C PRO B 95 37.24 24.18 2.52
N GLY B 96 38.22 24.57 3.30
CA GLY B 96 38.59 26.00 3.46
C GLY B 96 37.93 26.65 4.66
N PHE B 97 37.10 25.92 5.39
CA PHE B 97 36.29 26.52 6.46
C PHE B 97 36.41 25.73 7.68
N ARG B 98 36.41 26.44 8.80
CA ARG B 98 36.40 25.83 10.12
CA ARG B 98 36.33 25.80 10.09
C ARG B 98 35.30 26.48 10.98
N ALA B 99 34.76 25.69 11.92
CA ALA B 99 33.89 26.24 12.95
C ALA B 99 34.05 25.56 14.28
N LEU B 100 33.86 26.38 15.31
CA LEU B 100 33.84 26.00 16.72
C LEU B 100 32.58 25.20 16.97
N VAL B 101 32.69 23.92 17.32
CA VAL B 101 31.54 23.10 17.61
C VAL B 101 31.65 22.69 19.09
N PRO B 102 30.62 22.93 19.88
CA PRO B 102 30.63 22.32 21.24
C PRO B 102 30.60 20.76 21.18
N ARG B 103 31.56 20.16 21.82
CA ARG B 103 31.72 18.74 21.92
C ARG B 103 31.91 18.30 23.37
N LYS B 104 31.78 17.01 23.59
CA LYS B 104 32.29 16.40 24.83
C LYS B 104 33.77 16.30 24.79
N GLU B 105 34.42 16.42 25.94
CA GLU B 105 35.87 16.45 25.96
C GLU B 105 36.43 15.04 25.96
N LYS B 106 35.67 14.12 26.55
CA LYS B 106 36.10 12.74 26.61
C LYS B 106 34.96 11.82 26.20
N VAL B 107 35.35 10.75 25.53
CA VAL B 107 34.39 9.79 25.07
CA VAL B 107 34.41 9.80 25.00
C VAL B 107 34.94 8.38 25.23
N THR B 108 34.03 7.43 25.40
CA THR B 108 34.33 6.01 25.27
C THR B 108 33.40 5.52 24.19
N VAL B 109 34.00 4.90 23.14
CA VAL B 109 33.29 4.44 21.93
C VAL B 109 33.57 2.98 21.74
N ARG B 110 32.54 2.23 21.37
CA ARG B 110 32.69 0.84 21.04
C ARG B 110 32.41 0.73 19.56
N ALA B 111 33.10 -0.17 18.91
CA ALA B 111 33.01 -0.33 17.51
C ALA B 111 33.67 -1.62 17.08
N LEU B 112 33.50 -1.95 15.81
CA LEU B 112 34.14 -3.10 15.20
C LEU B 112 35.36 -2.60 14.43
N ASP B 113 36.42 -3.37 14.52
CA ASP B 113 37.60 -3.08 13.77
C ASP B 113 37.56 -3.72 12.38
N ARG B 114 38.65 -3.69 11.64
CA ARG B 114 38.56 -4.07 10.21
C ARG B 114 38.39 -5.58 10.02
N ASP B 115 38.65 -6.31 11.08
CA ASP B 115 38.41 -7.73 11.11
C ASP B 115 37.07 -8.09 11.75
N GLY B 116 36.20 -7.12 12.02
CA GLY B 116 34.91 -7.43 12.65
C GLY B 116 34.99 -7.69 14.15
N LYS B 117 36.12 -7.39 14.77
CA LYS B 117 36.28 -7.65 16.18
C LYS B 117 35.94 -6.44 16.98
N GLU B 118 35.17 -6.61 18.02
CA GLU B 118 34.71 -5.52 18.84
C GLU B 118 35.84 -4.97 19.73
N PHE B 119 35.87 -3.66 19.91
CA PHE B 119 36.90 -3.05 20.75
C PHE B 119 36.26 -1.85 21.44
N THR B 120 36.94 -1.30 22.42
CA THR B 120 36.45 -0.15 23.15
C THR B 120 37.61 0.81 23.28
N LEU B 121 37.37 2.07 22.94
CA LEU B 121 38.40 3.10 22.88
C LEU B 121 38.01 4.23 23.77
N ASP B 122 38.92 4.62 24.65
CA ASP B 122 38.77 5.86 25.37
C ASP B 122 39.53 6.98 24.67
N ALA B 123 38.94 8.17 24.60
CA ALA B 123 39.56 9.22 23.86
C ALA B 123 39.34 10.53 24.55
N ASP B 124 40.37 11.38 24.46
CA ASP B 124 40.23 12.81 24.81
C ASP B 124 40.92 13.64 23.73
N GLY B 125 41.10 14.93 24.02
CA GLY B 125 41.76 15.87 23.11
C GLY B 125 41.12 15.81 21.71
N LEU B 126 41.99 15.95 20.73
CA LEU B 126 41.63 16.04 19.34
C LEU B 126 40.97 14.74 18.91
N LEU B 127 41.48 13.62 19.35
CA LEU B 127 40.90 12.31 18.97
C LEU B 127 39.42 12.20 19.30
N ALA B 128 39.09 12.60 20.50
CA ALA B 128 37.71 12.59 20.95
C ALA B 128 36.87 13.50 20.10
N ILE B 129 37.41 14.65 19.76
CA ILE B 129 36.69 15.57 18.92
C ILE B 129 36.44 14.99 17.53
N CYS B 130 37.48 14.37 16.95
CA CYS B 130 37.36 13.75 15.63
C CYS B 130 36.33 12.63 15.61
N ILE B 131 36.36 11.78 16.61
CA ILE B 131 35.38 10.72 16.74
C ILE B 131 33.94 11.23 16.70
N GLN B 132 33.66 12.32 17.42
CA GLN B 132 32.28 12.89 17.49
C GLN B 132 31.94 13.49 16.17
N HIS B 133 32.93 14.15 15.57
CA HIS B 133 32.77 14.69 14.22
C HIS B 133 32.41 13.62 13.21
N GLU B 134 33.17 12.54 13.19
CA GLU B 134 32.99 11.53 12.20
C GLU B 134 31.67 10.78 12.37
N ILE B 135 31.27 10.56 13.63
CA ILE B 135 30.01 9.93 13.90
C ILE B 135 28.85 10.86 13.47
N ASP B 136 28.98 12.16 13.66
CA ASP B 136 27.97 13.09 13.10
C ASP B 136 27.72 12.82 11.61
N HIS B 137 28.79 12.58 10.86
CA HIS B 137 28.66 12.29 9.39
C HIS B 137 27.79 11.09 9.19
N LEU B 138 27.97 10.09 10.06
CA LEU B 138 27.16 8.87 9.92
C LEU B 138 25.68 9.10 10.15
N ASN B 139 25.38 10.22 10.79
CA ASN B 139 24.01 10.59 11.06
C ASN B 139 23.61 11.79 10.23
N GLY B 140 24.36 12.03 9.15
CA GLY B 140 24.00 13.12 8.22
C GLY B 140 24.07 14.49 8.84
N ILE B 141 25.00 14.70 9.77
CA ILE B 141 25.24 15.98 10.40
C ILE B 141 26.67 16.45 10.11
N LEU B 142 26.78 17.72 9.75
CA LEU B 142 28.04 18.34 9.44
C LEU B 142 28.30 19.48 10.42
N PHE B 143 29.54 19.99 10.45
CA PHE B 143 29.85 21.05 11.41
C PHE B 143 29.05 22.31 11.16
N VAL B 144 28.71 22.56 9.90
CA VAL B 144 27.94 23.75 9.57
C VAL B 144 26.56 23.69 10.20
N ASP B 145 26.09 22.51 10.58
CA ASP B 145 24.73 22.46 11.11
C ASP B 145 24.65 23.00 12.53
N TYR B 146 25.82 23.23 13.13
CA TYR B 146 25.91 23.91 14.46
C TYR B 146 26.06 25.40 14.34
N LEU B 147 26.23 25.92 13.13
CA LEU B 147 26.32 27.35 12.90
C LEU B 147 24.94 27.96 12.73
N SER B 148 24.92 29.28 12.81
CA SER B 148 23.73 30.01 12.49
C SER B 148 23.35 29.72 11.05
N PRO B 149 22.05 29.84 10.77
CA PRO B 149 21.59 29.68 9.39
C PRO B 149 22.30 30.63 8.41
N LEU B 150 22.61 31.83 8.85
CA LEU B 150 23.28 32.78 7.95
C LEU B 150 24.70 32.28 7.58
N LYS B 151 25.46 31.94 8.62
CA LYS B 151 26.83 31.52 8.42
C LYS B 151 26.91 30.22 7.59
N ARG B 152 25.99 29.30 7.85
CA ARG B 152 25.86 28.08 7.06
C ARG B 152 25.58 28.35 5.62
N GLN B 153 24.57 29.20 5.38
CA GLN B 153 24.27 29.65 4.02
C GLN B 153 25.47 30.29 3.30
N ARG B 154 26.22 31.18 3.96
CA ARG B 154 27.35 31.82 3.29
CA ARG B 154 27.34 31.82 3.29
C ARG B 154 28.37 30.75 2.87
N ILE B 155 28.61 29.79 3.72
CA ILE B 155 29.53 28.72 3.32
C ILE B 155 28.98 27.92 2.13
N LYS B 156 27.71 27.54 2.22
CA LYS B 156 27.08 26.78 1.17
C LYS B 156 27.24 27.47 -0.18
N GLU B 157 26.96 28.74 -0.22
CA GLU B 157 27.04 29.50 -1.50
C GLU B 157 28.45 29.61 -2.00
N LYS B 158 29.42 29.71 -1.12
CA LYS B 158 30.80 29.73 -1.56
C LYS B 158 31.22 28.42 -2.19
N LEU B 159 30.77 27.32 -1.62
CA LEU B 159 31.22 26.03 -2.11
C LEU B 159 30.48 25.63 -3.37
N ILE B 160 29.27 26.15 -3.53
CA ILE B 160 28.50 25.96 -4.79
C ILE B 160 29.32 26.48 -5.96
N LYS B 161 29.80 27.70 -5.78
CA LYS B 161 30.70 28.37 -6.72
C LYS B 161 32.01 27.62 -6.87
N TYR B 162 32.60 27.22 -5.76
CA TYR B 162 33.83 26.48 -5.80
C TYR B 162 33.65 25.20 -6.64
N LYS B 163 32.56 24.48 -6.38
CA LYS B 163 32.31 23.22 -7.06
C LYS B 163 32.13 23.46 -8.57
N LYS B 164 31.42 24.51 -8.91
CA LYS B 164 31.15 24.84 -10.29
C LYS B 164 32.47 25.08 -10.99
N GLN B 165 33.37 25.79 -10.32
CA GLN B 165 34.67 26.15 -10.93
C GLN B 165 35.50 24.89 -11.19
N ILE B 166 35.49 23.92 -10.27
CA ILE B 166 36.04 22.58 -10.58
C ILE B 166 35.38 21.79 -11.75
N MET C 1 3.40 -26.75 -22.75
CA MET C 1 3.90 -25.48 -23.40
C MET C 1 3.03 -24.20 -23.21
N THR C 2 2.05 -24.21 -22.33
CA THR C 2 1.18 -23.03 -22.24
C THR C 2 1.69 -22.17 -21.07
N ALA C 3 1.89 -20.87 -21.28
CA ALA C 3 2.31 -19.97 -20.18
C ALA C 3 1.12 -19.13 -19.70
N LEU C 4 1.17 -18.64 -18.46
CA LEU C 4 0.09 -17.80 -17.90
C LEU C 4 0.29 -16.36 -18.36
N ASN C 5 -0.80 -15.64 -18.71
CA ASN C 5 -0.74 -14.18 -18.84
C ASN C 5 -1.72 -13.49 -17.94
N VAL C 6 -1.35 -12.32 -17.45
CA VAL C 6 -2.23 -11.58 -16.63
C VAL C 6 -3.29 -10.86 -17.50
N LEU C 7 -4.57 -11.10 -17.26
CA LEU C 7 -5.63 -10.30 -17.87
C LEU C 7 -5.61 -8.89 -17.32
N ILE C 8 -5.75 -7.94 -18.23
CA ILE C 8 -5.78 -6.50 -17.90
C ILE C 8 -7.22 -5.98 -18.02
N TYR C 9 -7.72 -5.32 -16.98
CA TYR C 9 -9.02 -4.66 -17.03
C TYR C 9 -9.16 -3.74 -18.25
N PRO C 10 -10.31 -3.74 -18.96
CA PRO C 10 -11.54 -4.51 -18.71
C PRO C 10 -11.47 -5.90 -19.40
N ASP C 11 -12.02 -6.90 -18.76
CA ASP C 11 -12.16 -8.19 -19.32
C ASP C 11 -13.21 -8.88 -18.49
N ASP C 12 -14.23 -9.39 -19.17
CA ASP C 12 -15.34 -10.03 -18.47
C ASP C 12 -14.86 -11.13 -17.51
N HIS C 13 -13.73 -11.77 -17.81
CA HIS C 13 -13.29 -12.83 -16.91
C HIS C 13 -12.72 -12.36 -15.56
N LEU C 14 -12.46 -11.06 -15.45
CA LEU C 14 -12.11 -10.43 -14.17
C LEU C 14 -13.33 -10.03 -13.37
N LYS C 15 -14.52 -10.31 -13.92
CA LYS C 15 -15.78 -10.04 -13.26
C LYS C 15 -16.58 -11.33 -13.05
N VAL C 16 -15.94 -12.49 -13.24
CA VAL C 16 -16.56 -13.81 -13.04
C VAL C 16 -16.42 -14.34 -11.57
N VAL C 17 -17.52 -14.84 -11.00
CA VAL C 17 -17.57 -15.56 -9.76
C VAL C 17 -17.07 -16.97 -10.09
N CYS C 18 -15.95 -17.35 -9.47
CA CYS C 18 -15.18 -18.51 -9.88
C CYS C 18 -15.74 -19.78 -9.26
N GLU C 19 -15.44 -20.96 -9.84
CA GLU C 19 -15.95 -22.23 -9.31
C GLU C 19 -15.00 -22.79 -8.27
N PRO C 20 -15.54 -23.39 -7.22
CA PRO C 20 -14.69 -24.08 -6.25
C PRO C 20 -13.89 -25.22 -6.91
N VAL C 21 -12.71 -25.44 -6.40
CA VAL C 21 -11.88 -26.55 -6.82
C VAL C 21 -12.43 -27.83 -6.17
N THR C 22 -12.68 -28.86 -6.96
CA THR C 22 -13.20 -30.19 -6.43
C THR C 22 -12.03 -31.11 -5.99
N GLU C 23 -10.89 -31.04 -6.67
CA GLU C 23 -9.76 -31.90 -6.33
C GLU C 23 -8.45 -31.13 -6.32
N VAL C 24 -7.79 -31.01 -5.16
CA VAL C 24 -6.50 -30.33 -5.18
C VAL C 24 -5.48 -31.31 -5.71
N ASN C 25 -5.42 -31.46 -7.03
CA ASN C 25 -4.51 -32.48 -7.63
C ASN C 25 -3.29 -31.79 -8.24
N ASP C 26 -2.54 -32.47 -9.12
CA ASP C 26 -1.30 -31.86 -9.57
C ASP C 26 -1.52 -30.76 -10.57
N ALA C 27 -2.61 -30.82 -11.31
CA ALA C 27 -2.91 -29.74 -12.24
C ALA C 27 -3.19 -28.42 -11.42
N ILE C 28 -3.91 -28.55 -10.33
CA ILE C 28 -4.12 -27.40 -9.40
C ILE C 28 -2.80 -26.94 -8.81
N ARG C 29 -1.93 -27.90 -8.40
CA ARG C 29 -0.59 -27.49 -7.87
C ARG C 29 0.25 -26.79 -8.91
N LYS C 30 0.14 -27.22 -10.14
CA LYS C 30 0.94 -26.55 -11.14
C LYS C 30 0.40 -25.10 -11.38
N ILE C 31 -0.92 -24.94 -11.39
CA ILE C 31 -1.50 -23.63 -11.47
C ILE C 31 -1.02 -22.80 -10.29
N VAL C 32 -1.09 -23.34 -9.07
CA VAL C 32 -0.60 -22.59 -7.87
C VAL C 32 0.88 -22.10 -8.04
N ASP C 33 1.76 -23.07 -8.36
CA ASP C 33 3.18 -22.83 -8.68
C ASP C 33 3.41 -21.81 -9.82
N ASP C 34 2.69 -21.99 -10.91
CA ASP C 34 2.78 -21.01 -11.99
C ASP C 34 2.27 -19.61 -11.56
N MET C 35 1.25 -19.56 -10.69
CA MET C 35 0.71 -18.27 -10.21
C MET C 35 1.77 -17.53 -9.36
N PHE C 36 2.51 -18.26 -8.53
CA PHE C 36 3.58 -17.67 -7.70
C PHE C 36 4.63 -17.08 -8.63
N ASP C 37 5.00 -17.86 -9.63
CA ASP C 37 5.99 -17.43 -10.60
C ASP C 37 5.62 -16.12 -11.31
N THR C 38 4.41 -16.10 -11.82
CA THR C 38 3.90 -14.97 -12.49
C THR C 38 3.78 -13.77 -11.52
N MET C 39 3.29 -14.00 -10.30
CA MET C 39 3.15 -12.96 -9.30
C MET C 39 4.52 -12.29 -8.98
N TYR C 40 5.53 -13.11 -8.75
CA TYR C 40 6.87 -12.57 -8.47
C TYR C 40 7.44 -11.80 -9.67
N GLN C 41 7.38 -12.39 -10.86
CA GLN C 41 7.89 -11.72 -12.04
C GLN C 41 7.21 -10.38 -12.25
N GLU C 42 5.90 -10.33 -12.06
CA GLU C 42 5.19 -9.08 -12.31
C GLU C 42 5.14 -8.17 -11.08
N LYS C 43 5.80 -8.60 -10.01
CA LYS C 43 5.97 -7.83 -8.80
C LYS C 43 4.67 -7.48 -8.06
N GLY C 44 3.82 -8.51 -7.86
CA GLY C 44 2.63 -8.41 -7.04
C GLY C 44 2.87 -8.98 -5.67
N ILE C 45 1.98 -8.64 -4.73
CA ILE C 45 1.92 -9.32 -3.44
C ILE C 45 0.75 -10.31 -3.39
N GLY C 46 -0.12 -10.28 -4.38
CA GLY C 46 -1.24 -11.19 -4.42
C GLY C 46 -1.65 -11.52 -5.81
N LEU C 47 -2.19 -12.70 -6.02
CA LEU C 47 -2.72 -13.10 -7.32
C LEU C 47 -3.89 -14.08 -7.17
N ALA C 48 -4.96 -13.81 -7.94
CA ALA C 48 -6.12 -14.71 -8.01
C ALA C 48 -6.18 -15.35 -9.39
N ALA C 49 -6.67 -16.57 -9.41
CA ALA C 49 -6.78 -17.38 -10.65
C ALA C 49 -7.46 -16.76 -11.85
N PRO C 50 -8.56 -16.01 -11.63
CA PRO C 50 -9.19 -15.40 -12.79
C PRO C 50 -8.32 -14.36 -13.46
N GLN C 51 -7.39 -13.78 -12.68
CA GLN C 51 -6.43 -12.84 -13.23
C GLN C 51 -5.52 -13.49 -14.26
N VAL C 52 -5.33 -14.82 -14.19
CA VAL C 52 -4.57 -15.52 -15.24
C VAL C 52 -5.53 -16.38 -16.11
N ASP C 53 -6.79 -15.95 -16.15
CA ASP C 53 -7.86 -16.57 -16.96
C ASP C 53 -8.17 -18.01 -16.57
N ILE C 54 -8.07 -18.30 -15.27
CA ILE C 54 -8.50 -19.52 -14.68
C ILE C 54 -9.63 -19.29 -13.70
N LEU C 55 -10.82 -19.78 -14.06
CA LEU C 55 -12.03 -19.40 -13.35
C LEU C 55 -12.36 -20.32 -12.12
N GLN C 56 -11.39 -20.47 -11.25
CA GLN C 56 -11.47 -21.34 -10.08
C GLN C 56 -11.03 -20.60 -8.86
N ARG C 57 -11.41 -21.12 -7.69
CA ARG C 57 -11.23 -20.41 -6.41
C ARG C 57 -9.86 -20.68 -5.85
N ILE C 58 -8.84 -20.02 -6.44
CA ILE C 58 -7.45 -20.26 -6.04
C ILE C 58 -6.73 -18.94 -5.94
N ILE C 59 -6.03 -18.76 -4.82
CA ILE C 59 -5.28 -17.51 -4.55
C ILE C 59 -3.88 -17.84 -4.03
N THR C 60 -2.98 -16.99 -4.46
CA THR C 60 -1.55 -17.03 -4.18
CA THR C 60 -1.58 -17.03 -4.09
C THR C 60 -1.17 -15.64 -3.58
N ILE C 61 -0.65 -15.60 -2.35
CA ILE C 61 -0.18 -14.39 -1.70
C ILE C 61 1.23 -14.55 -1.09
N ASP C 62 2.04 -13.52 -1.26
CA ASP C 62 3.32 -13.36 -0.53
C ASP C 62 3.50 -11.87 -0.28
N VAL C 63 3.16 -11.46 0.91
CA VAL C 63 3.11 -10.04 1.20
C VAL C 63 4.55 -9.49 1.30
N GLU C 64 5.45 -10.34 1.79
CA GLU C 64 6.84 -9.94 2.11
CA GLU C 64 6.83 -9.92 2.11
C GLU C 64 7.74 -10.01 0.88
N GLY C 65 7.40 -10.89 -0.06
CA GLY C 65 8.14 -10.88 -1.31
C GLY C 65 9.40 -11.73 -1.35
N ASP C 66 9.66 -12.46 -0.26
CA ASP C 66 10.87 -13.26 -0.12
C ASP C 66 10.63 -14.74 -0.06
N LYS C 67 9.40 -15.20 -0.30
CA LYS C 67 9.02 -16.62 -0.21
C LYS C 67 9.11 -17.18 1.18
N GLN C 68 9.32 -16.36 2.20
CA GLN C 68 9.41 -16.90 3.58
C GLN C 68 8.02 -17.18 4.14
N ASN C 69 7.01 -16.38 3.78
CA ASN C 69 5.68 -16.60 4.31
C ASN C 69 4.61 -16.59 3.17
N GLN C 70 4.72 -17.57 2.28
CA GLN C 70 3.73 -17.79 1.23
C GLN C 70 2.36 -18.22 1.76
N PHE C 71 1.30 -17.78 1.10
CA PHE C 71 -0.05 -18.28 1.41
C PHE C 71 -0.77 -18.74 0.13
N VAL C 72 -1.38 -19.92 0.24
CA VAL C 72 -2.24 -20.51 -0.78
C VAL C 72 -3.59 -20.67 -0.13
N LEU C 73 -4.62 -20.13 -0.82
CA LEU C 73 -5.97 -20.15 -0.32
C LEU C 73 -6.81 -20.72 -1.40
N ILE C 74 -7.13 -22.00 -1.25
CA ILE C 74 -8.09 -22.65 -2.16
C ILE C 74 -9.46 -22.81 -1.49
N ASN C 75 -10.51 -22.53 -2.28
CA ASN C 75 -11.83 -22.44 -1.76
C ASN C 75 -11.94 -21.71 -0.39
N PRO C 76 -11.46 -20.46 -0.33
CA PRO C 76 -11.45 -19.76 0.95
C PRO C 76 -12.82 -19.24 1.37
N GLU C 77 -13.02 -19.15 2.66
CA GLU C 77 -14.24 -18.59 3.17
C GLU C 77 -13.89 -17.78 4.41
N ILE C 78 -14.43 -16.58 4.48
CA ILE C 78 -14.17 -15.69 5.61
C ILE C 78 -15.18 -16.04 6.69
N LEU C 79 -14.72 -16.31 7.90
CA LEU C 79 -15.61 -16.80 8.96
C LEU C 79 -15.87 -15.71 9.96
N ALA C 80 -15.00 -14.70 10.01
CA ALA C 80 -15.18 -13.60 10.95
C ALA C 80 -14.20 -12.45 10.58
N SER C 81 -14.51 -11.26 11.07
CA SER C 81 -13.71 -10.09 10.80
C SER C 81 -13.99 -8.98 11.77
N GLU C 82 -13.09 -7.99 11.84
CA GLU C 82 -13.31 -6.84 12.70
C GLU C 82 -12.42 -5.68 12.33
N GLY C 83 -12.75 -4.51 12.89
CA GLY C 83 -12.02 -3.28 12.70
C GLY C 83 -12.20 -2.69 11.31
N GLU C 84 -11.46 -1.62 11.06
CA GLU C 84 -11.49 -0.91 9.79
C GLU C 84 -10.10 -0.49 9.42
N THR C 85 -9.77 -0.51 8.13
CA THR C 85 -8.47 -0.01 7.70
C THR C 85 -8.51 0.25 6.20
N GLY C 86 -7.39 0.61 5.63
CA GLY C 86 -7.35 0.85 4.20
C GLY C 86 -5.97 1.16 3.76
N ILE C 87 -5.72 0.93 2.47
CA ILE C 87 -4.43 1.23 1.95
C ILE C 87 -4.68 1.62 0.50
N GLU C 88 -3.74 2.27 -0.13
CA GLU C 88 -3.83 2.57 -1.55
CA GLU C 88 -3.86 2.54 -1.56
C GLU C 88 -3.53 1.27 -2.34
N GLU C 89 -4.58 0.48 -2.60
CA GLU C 89 -4.45 -0.85 -3.16
C GLU C 89 -4.15 -0.73 -4.62
N GLY C 90 -3.18 -1.54 -5.04
CA GLY C 90 -2.98 -1.82 -6.46
C GLY C 90 -3.50 -3.17 -6.88
N CYS C 91 -3.36 -3.48 -8.16
CA CYS C 91 -3.65 -4.83 -8.70
C CYS C 91 -2.93 -5.02 -10.00
N LEU C 92 -2.38 -6.21 -10.20
CA LEU C 92 -1.65 -6.45 -11.48
C LEU C 92 -2.55 -6.39 -12.71
N SER C 93 -3.84 -6.60 -12.55
CA SER C 93 -4.75 -6.53 -13.67
C SER C 93 -5.22 -5.11 -13.92
N ILE C 94 -4.79 -4.18 -13.08
CA ILE C 94 -5.20 -2.77 -13.24
C ILE C 94 -3.96 -1.86 -13.08
N PRO C 95 -3.02 -2.01 -13.99
CA PRO C 95 -1.72 -1.35 -13.77
C PRO C 95 -1.87 0.11 -13.84
N GLY C 96 -1.08 0.80 -13.03
CA GLY C 96 -0.98 2.25 -13.12
C GLY C 96 -2.04 2.98 -12.31
N PHE C 97 -2.79 2.25 -11.43
CA PHE C 97 -3.83 2.80 -10.59
C PHE C 97 -3.83 2.21 -9.16
N ARG C 98 -4.33 3.05 -8.24
CA ARG C 98 -4.53 2.68 -6.81
C ARG C 98 -5.72 3.42 -6.29
N ALA C 99 -6.39 2.83 -5.35
CA ALA C 99 -7.49 3.44 -4.66
C ALA C 99 -7.56 2.92 -3.24
N LEU C 100 -7.96 3.79 -2.33
CA LEU C 100 -8.06 3.49 -0.91
C LEU C 100 -9.39 2.78 -0.71
N VAL C 101 -9.39 1.48 -0.47
CA VAL C 101 -10.62 0.73 -0.37
C VAL C 101 -10.91 0.45 1.09
N PRO C 102 -12.16 0.64 1.51
CA PRO C 102 -12.43 0.29 2.89
C PRO C 102 -12.36 -1.21 3.15
N ARG C 103 -11.61 -1.66 4.15
CA ARG C 103 -11.46 -3.08 4.46
C ARG C 103 -11.68 -3.34 5.94
N LYS C 104 -11.85 -4.61 6.26
CA LYS C 104 -11.73 -5.07 7.63
C LYS C 104 -10.26 -5.14 8.03
N GLU C 105 -9.98 -4.76 9.28
CA GLU C 105 -8.63 -4.77 9.82
C GLU C 105 -8.13 -6.15 10.05
N LYS C 106 -9.03 -7.02 10.50
CA LYS C 106 -8.68 -8.41 10.76
C LYS C 106 -9.73 -9.31 10.13
N VAL C 107 -9.30 -10.48 9.67
CA VAL C 107 -10.22 -11.48 9.10
C VAL C 107 -9.71 -12.85 9.52
N THR C 108 -10.66 -13.74 9.72
CA THR C 108 -10.38 -15.15 9.97
C THR C 108 -10.82 -15.89 8.73
N VAL C 109 -9.93 -16.68 8.15
CA VAL C 109 -10.24 -17.31 6.89
C VAL C 109 -9.95 -18.79 6.98
N ARG C 110 -10.90 -19.58 6.48
CA ARG C 110 -10.68 -21.00 6.32
C ARG C 110 -10.53 -21.26 4.84
N ALA C 111 -9.60 -22.16 4.50
CA ALA C 111 -9.33 -22.53 3.13
C ALA C 111 -8.53 -23.82 2.98
N LEU C 112 -8.23 -24.21 1.76
CA LEU C 112 -7.40 -25.36 1.46
C LEU C 112 -6.04 -24.91 1.08
N ASP C 113 -5.02 -25.62 1.54
CA ASP C 113 -3.69 -25.18 1.23
C ASP C 113 -3.35 -25.90 -0.03
N ARG C 114 -2.08 -25.85 -0.40
CA ARG C 114 -1.58 -26.37 -1.66
C ARG C 114 -1.64 -27.92 -1.72
N ASP C 115 -1.74 -28.56 -0.57
CA ASP C 115 -1.92 -30.03 -0.52
C ASP C 115 -3.34 -30.42 -0.27
N GLY C 116 -4.25 -29.43 -0.40
CA GLY C 116 -5.67 -29.74 -0.19
C GLY C 116 -6.04 -29.93 1.28
N LYS C 117 -5.16 -29.56 2.20
CA LYS C 117 -5.46 -29.60 3.62
C LYS C 117 -6.17 -28.33 4.08
N GLU C 118 -7.22 -28.49 4.89
CA GLU C 118 -7.95 -27.37 5.42
C GLU C 118 -7.16 -26.73 6.55
N PHE C 119 -7.10 -25.40 6.54
CA PHE C 119 -6.54 -24.63 7.65
C PHE C 119 -7.42 -23.39 7.90
N THR C 120 -7.39 -22.88 9.15
CA THR C 120 -7.99 -21.62 9.52
C THR C 120 -6.88 -20.65 10.00
N LEU C 121 -6.98 -19.40 9.56
CA LEU C 121 -5.97 -18.37 9.81
C LEU C 121 -6.62 -17.07 10.28
N ASP C 122 -6.05 -16.40 11.28
CA ASP C 122 -6.52 -15.04 11.65
C ASP C 122 -5.47 -14.09 11.13
N ALA C 123 -5.83 -13.23 10.19
CA ALA C 123 -4.86 -12.34 9.55
C ALA C 123 -5.14 -10.93 9.99
N ASP C 124 -4.12 -10.08 9.95
CA ASP C 124 -4.27 -8.63 10.16
C ASP C 124 -3.32 -7.90 9.25
N GLY C 125 -3.29 -6.59 9.37
CA GLY C 125 -2.32 -5.75 8.67
C GLY C 125 -2.46 -5.93 7.19
N LEU C 126 -1.34 -5.88 6.51
CA LEU C 126 -1.34 -5.94 5.10
C LEU C 126 -1.85 -7.34 4.62
N LEU C 127 -1.52 -8.39 5.33
CA LEU C 127 -1.98 -9.71 4.92
C LEU C 127 -3.54 -9.75 4.81
N ALA C 128 -4.22 -9.20 5.82
CA ALA C 128 -5.65 -9.22 5.87
C ALA C 128 -6.29 -8.50 4.70
N ILE C 129 -5.72 -7.35 4.35
CA ILE C 129 -6.15 -6.57 3.22
C ILE C 129 -6.00 -7.34 1.91
N CYS C 130 -4.87 -7.98 1.73
CA CYS C 130 -4.63 -8.74 0.49
CA CYS C 130 -4.59 -8.74 0.52
C CYS C 130 -5.58 -9.91 0.37
N ILE C 131 -5.84 -10.58 1.46
CA ILE C 131 -6.75 -11.67 1.43
C ILE C 131 -8.13 -11.21 1.00
N GLN C 132 -8.63 -10.11 1.58
CA GLN C 132 -9.89 -9.57 1.16
C GLN C 132 -9.84 -9.18 -0.32
N HIS C 133 -8.76 -8.54 -0.75
CA HIS C 133 -8.60 -8.14 -2.19
C HIS C 133 -8.69 -9.35 -3.09
N GLU C 134 -8.00 -10.43 -2.69
CA GLU C 134 -7.93 -11.58 -3.56
C GLU C 134 -9.24 -12.40 -3.51
N ILE C 135 -9.92 -12.51 -2.33
CA ILE C 135 -11.28 -13.15 -2.29
C ILE C 135 -12.29 -12.36 -3.18
N ASP C 136 -12.22 -11.03 -3.15
CA ASP C 136 -12.99 -10.19 -4.07
C ASP C 136 -12.82 -10.70 -5.54
N HIS C 137 -11.60 -10.93 -6.01
CA HIS C 137 -11.43 -11.46 -7.36
C HIS C 137 -12.25 -12.72 -7.66
N LEU C 138 -12.22 -13.65 -6.73
CA LEU C 138 -12.92 -14.94 -6.88
C LEU C 138 -14.42 -14.75 -6.91
N ASN C 139 -14.86 -13.62 -6.35
CA ASN C 139 -16.21 -13.14 -6.47
C ASN C 139 -16.51 -12.11 -7.52
N GLY C 140 -15.63 -11.96 -8.51
CA GLY C 140 -15.87 -11.08 -9.58
C GLY C 140 -15.88 -9.58 -9.22
N ILE C 141 -15.17 -9.23 -8.14
CA ILE C 141 -15.05 -7.87 -7.67
C ILE C 141 -13.61 -7.34 -7.76
N LEU C 142 -13.48 -6.13 -8.31
CA LEU C 142 -12.21 -5.36 -8.49
C LEU C 142 -12.15 -4.14 -7.61
N PHE C 143 -10.96 -3.59 -7.36
CA PHE C 143 -10.96 -2.48 -6.43
C PHE C 143 -11.66 -1.31 -6.98
N VAL C 144 -11.59 -1.19 -8.30
CA VAL C 144 -12.30 -0.13 -8.97
C VAL C 144 -13.80 -0.20 -8.80
N ASP C 145 -14.34 -1.36 -8.42
CA ASP C 145 -15.77 -1.46 -8.13
C ASP C 145 -16.19 -0.74 -6.88
N TYR C 146 -15.21 -0.31 -6.10
CA TYR C 146 -15.55 0.52 -4.93
C TYR C 146 -15.51 2.01 -5.29
N LEU C 147 -15.09 2.34 -6.52
CA LEU C 147 -15.08 3.77 -6.94
C LEU C 147 -16.41 4.18 -7.51
N SER C 148 -16.65 5.51 -7.61
CA SER C 148 -17.84 6.04 -8.26
C SER C 148 -17.81 5.57 -9.74
N PRO C 149 -19.01 5.48 -10.39
CA PRO C 149 -19.15 5.10 -11.80
C PRO C 149 -18.25 5.85 -12.77
N LEU C 150 -18.17 7.17 -12.62
CA LEU C 150 -17.38 7.98 -13.56
C LEU C 150 -15.90 7.74 -13.43
N LYS C 151 -15.44 7.61 -12.18
CA LYS C 151 -14.00 7.31 -11.90
C LYS C 151 -13.58 5.96 -12.45
N ARG C 152 -14.41 4.96 -12.24
CA ARG C 152 -14.14 3.61 -12.78
C ARG C 152 -14.09 3.61 -14.30
N GLN C 153 -15.06 4.26 -14.90
CA GLN C 153 -15.18 4.33 -16.37
C GLN C 153 -13.97 4.98 -17.02
N ARG C 154 -13.52 6.04 -16.38
CA ARG C 154 -12.28 6.70 -16.80
C ARG C 154 -11.08 5.74 -16.77
N ILE C 155 -10.95 4.99 -15.67
CA ILE C 155 -9.86 4.04 -15.58
C ILE C 155 -10.02 2.97 -16.66
N LYS C 156 -11.25 2.48 -16.86
CA LYS C 156 -11.47 1.47 -17.89
C LYS C 156 -11.08 2.00 -19.27
N GLU C 157 -11.51 3.23 -19.59
CA GLU C 157 -11.24 3.82 -20.92
C GLU C 157 -9.79 3.93 -21.15
N LYS C 158 -9.10 4.33 -20.10
CA LYS C 158 -7.70 4.52 -20.16
C LYS C 158 -7.04 3.17 -20.42
N LEU C 159 -7.48 2.10 -19.72
CA LEU C 159 -6.80 0.83 -19.90
C LEU C 159 -7.15 0.19 -21.28
N ILE C 160 -8.31 0.53 -21.84
CA ILE C 160 -8.63 0.05 -23.20
C ILE C 160 -7.58 0.54 -24.16
N LYS C 161 -7.31 1.83 -24.08
CA LYS C 161 -6.30 2.42 -24.99
C LYS C 161 -4.95 1.83 -24.77
N TYR C 162 -4.60 1.69 -23.52
CA TYR C 162 -3.32 1.13 -23.20
C TYR C 162 -3.17 -0.32 -23.69
N LYS C 163 -4.23 -1.16 -23.56
CA LYS C 163 -4.13 -2.56 -24.00
C LYS C 163 -3.92 -2.61 -25.53
N LYS C 164 -4.52 -1.64 -26.21
CA LYS C 164 -4.36 -1.47 -27.66
C LYS C 164 -2.96 -1.02 -28.02
N GLN C 165 -2.36 -0.14 -27.22
CA GLN C 165 -0.98 0.26 -27.43
C GLN C 165 -0.05 -0.95 -27.32
N ILE C 166 -0.36 -1.94 -26.50
CA ILE C 166 0.44 -3.16 -26.53
C ILE C 166 0.06 -3.89 -27.81
N THR D 2 -31.27 -11.05 -31.68
CA THR D 2 -32.39 -10.41 -32.43
C THR D 2 -33.81 -10.85 -32.00
N ALA D 3 -34.00 -12.16 -31.71
CA ALA D 3 -35.20 -12.71 -31.03
C ALA D 3 -35.09 -12.51 -29.53
N LEU D 4 -36.19 -12.70 -28.79
CA LEU D 4 -36.16 -12.47 -27.34
C LEU D 4 -35.76 -13.75 -26.59
N ASN D 5 -34.47 -14.02 -26.53
CA ASN D 5 -34.01 -15.24 -25.87
C ASN D 5 -33.31 -14.87 -24.58
N VAL D 6 -33.00 -15.91 -23.85
CA VAL D 6 -32.38 -15.85 -22.58
C VAL D 6 -31.14 -16.74 -22.69
N LEU D 7 -30.02 -16.36 -22.05
CA LEU D 7 -28.87 -17.25 -21.92
C LEU D 7 -29.26 -18.44 -21.00
N ILE D 8 -28.70 -19.60 -21.30
CA ILE D 8 -28.97 -20.84 -20.61
C ILE D 8 -27.67 -21.35 -20.03
N TYR D 9 -27.73 -21.77 -18.76
CA TYR D 9 -26.58 -22.31 -18.06
C TYR D 9 -26.11 -23.57 -18.76
N PRO D 10 -24.78 -23.79 -18.89
CA PRO D 10 -23.64 -22.95 -18.52
C PRO D 10 -23.35 -21.89 -19.52
N ASP D 11 -23.03 -20.70 -19.03
CA ASP D 11 -22.60 -19.65 -19.93
C ASP D 11 -21.94 -18.65 -19.04
N ASP D 12 -20.70 -18.28 -19.40
CA ASP D 12 -19.87 -17.38 -18.58
C ASP D 12 -20.57 -16.10 -18.12
N HIS D 13 -21.41 -15.52 -18.96
CA HIS D 13 -22.09 -14.27 -18.62
C HIS D 13 -23.16 -14.43 -17.53
N LEU D 14 -23.50 -15.70 -17.19
CA LEU D 14 -24.44 -15.96 -16.11
C LEU D 14 -23.67 -16.01 -14.80
N LYS D 15 -22.33 -15.88 -14.87
CA LYS D 15 -21.47 -15.82 -13.68
C LYS D 15 -20.70 -14.50 -13.55
N VAL D 16 -21.12 -13.49 -14.32
CA VAL D 16 -20.56 -12.11 -14.27
C VAL D 16 -21.25 -11.16 -13.24
N VAL D 17 -20.44 -10.53 -12.42
CA VAL D 17 -20.87 -9.43 -11.54
C VAL D 17 -21.13 -8.23 -12.43
N CYS D 18 -22.39 -7.78 -12.41
CA CYS D 18 -22.77 -6.66 -13.27
C CYS D 18 -22.41 -5.25 -12.69
N GLU D 19 -22.20 -4.29 -13.56
CA GLU D 19 -21.85 -2.88 -13.19
C GLU D 19 -23.11 -2.03 -13.01
N PRO D 20 -23.08 -1.12 -12.03
CA PRO D 20 -24.23 -0.26 -11.81
C PRO D 20 -24.47 0.60 -12.99
N VAL D 21 -25.75 0.85 -13.26
CA VAL D 21 -26.15 1.74 -14.31
C VAL D 21 -25.73 3.16 -13.89
N THR D 22 -25.09 3.86 -14.78
CA THR D 22 -24.54 5.15 -14.45
C THR D 22 -25.65 6.16 -14.62
N GLU D 23 -26.43 6.07 -15.70
CA GLU D 23 -27.64 6.90 -15.79
C GLU D 23 -28.84 6.20 -16.43
N VAL D 24 -29.97 6.24 -15.74
CA VAL D 24 -31.21 5.67 -16.25
C VAL D 24 -31.81 6.53 -17.39
N ASN D 25 -31.30 6.31 -18.60
CA ASN D 25 -31.74 7.00 -19.80
C ASN D 25 -32.52 6.10 -20.72
N ASP D 26 -32.60 6.53 -21.97
CA ASP D 26 -33.40 5.87 -22.94
C ASP D 26 -32.85 4.50 -23.32
N ALA D 27 -31.57 4.37 -23.52
CA ALA D 27 -30.98 3.06 -23.79
C ALA D 27 -31.33 2.05 -22.66
N ILE D 28 -31.30 2.53 -21.42
CA ILE D 28 -31.64 1.72 -20.26
C ILE D 28 -33.12 1.33 -20.24
N ARG D 29 -34.04 2.28 -20.54
CA ARG D 29 -35.51 1.95 -20.59
C ARG D 29 -35.79 0.97 -21.72
N LYS D 30 -34.97 1.01 -22.78
CA LYS D 30 -35.11 0.04 -23.86
C LYS D 30 -34.72 -1.40 -23.39
N ILE D 31 -33.71 -1.49 -22.55
CA ILE D 31 -33.31 -2.76 -22.00
C ILE D 31 -34.36 -3.29 -21.06
N VAL D 32 -34.94 -2.40 -20.28
CA VAL D 32 -35.97 -2.78 -19.33
C VAL D 32 -37.17 -3.39 -20.04
N ASP D 33 -37.57 -2.75 -21.12
CA ASP D 33 -38.69 -3.20 -21.93
C ASP D 33 -38.41 -4.44 -22.68
N ASP D 34 -37.24 -4.55 -23.27
CA ASP D 34 -36.85 -5.86 -23.82
C ASP D 34 -36.85 -7.00 -22.78
N MET D 35 -36.43 -6.66 -21.55
CA MET D 35 -36.42 -7.64 -20.50
C MET D 35 -37.83 -8.09 -20.13
N PHE D 36 -38.75 -7.17 -20.03
CA PHE D 36 -40.10 -7.60 -19.75
C PHE D 36 -40.63 -8.51 -20.90
N ASP D 37 -40.46 -8.05 -22.13
CA ASP D 37 -40.91 -8.78 -23.28
C ASP D 37 -40.36 -10.18 -23.27
N THR D 38 -39.10 -10.30 -22.90
CA THR D 38 -38.42 -11.63 -22.87
C THR D 38 -39.06 -12.45 -21.77
N MET D 39 -39.23 -11.85 -20.59
CA MET D 39 -39.78 -12.57 -19.45
C MET D 39 -41.19 -13.17 -19.75
N TYR D 40 -42.06 -12.32 -20.30
CA TYR D 40 -43.42 -12.73 -20.72
C TYR D 40 -43.40 -13.75 -21.88
N GLN D 41 -42.49 -13.57 -22.83
CA GLN D 41 -42.33 -14.51 -23.94
CA GLN D 41 -42.41 -14.52 -23.94
C GLN D 41 -42.02 -15.92 -23.42
N GLU D 42 -41.11 -15.98 -22.47
CA GLU D 42 -40.64 -17.25 -21.93
C GLU D 42 -41.43 -17.67 -20.74
N LYS D 43 -42.39 -16.85 -20.33
CA LYS D 43 -43.28 -17.14 -19.21
C LYS D 43 -42.58 -17.20 -17.87
N GLY D 44 -41.61 -16.34 -17.64
CA GLY D 44 -41.02 -16.26 -16.30
C GLY D 44 -41.64 -15.16 -15.45
N ILE D 45 -41.23 -15.12 -14.17
CA ILE D 45 -41.77 -14.10 -13.24
C ILE D 45 -40.76 -13.06 -12.85
N GLY D 46 -39.48 -13.34 -13.13
CA GLY D 46 -38.40 -12.41 -12.84
C GLY D 46 -37.28 -12.61 -13.83
N LEU D 47 -36.54 -11.51 -14.05
CA LEU D 47 -35.42 -11.49 -14.99
C LEU D 47 -34.34 -10.47 -14.55
N ALA D 48 -33.08 -10.79 -14.81
CA ALA D 48 -32.01 -9.88 -14.60
C ALA D 48 -31.29 -9.74 -15.94
N ALA D 49 -30.67 -8.57 -16.10
CA ALA D 49 -30.04 -8.15 -17.34
C ALA D 49 -29.02 -9.13 -17.85
N PRO D 50 -28.17 -9.72 -16.98
CA PRO D 50 -27.23 -10.69 -17.59
C PRO D 50 -27.90 -11.89 -18.27
N GLN D 51 -29.13 -12.19 -17.93
CA GLN D 51 -29.83 -13.28 -18.62
C GLN D 51 -30.13 -12.95 -20.11
N VAL D 52 -30.16 -11.65 -20.46
CA VAL D 52 -30.28 -11.28 -21.88
C VAL D 52 -28.98 -10.67 -22.34
N ASP D 53 -27.89 -11.07 -21.69
CA ASP D 53 -26.53 -10.74 -22.09
C ASP D 53 -26.20 -9.26 -21.95
N ILE D 54 -26.83 -8.58 -20.98
CA ILE D 54 -26.48 -7.20 -20.61
C ILE D 54 -25.93 -7.15 -19.22
N LEU D 55 -24.66 -6.73 -19.07
CA LEU D 55 -23.96 -6.87 -17.77
C LEU D 55 -24.14 -5.62 -16.87
N GLN D 56 -25.40 -5.29 -16.55
CA GLN D 56 -25.73 -4.14 -15.73
C GLN D 56 -26.77 -4.51 -14.73
N ARG D 57 -26.88 -3.66 -13.73
CA ARG D 57 -27.65 -3.93 -12.54
C ARG D 57 -29.08 -3.46 -12.74
N ILE D 58 -29.80 -4.34 -13.45
CA ILE D 58 -31.19 -4.13 -13.84
C ILE D 58 -31.99 -5.39 -13.64
N ILE D 59 -33.12 -5.26 -12.94
CA ILE D 59 -34.04 -6.41 -12.70
C ILE D 59 -35.47 -6.00 -13.11
N THR D 60 -36.20 -6.94 -13.64
CA THR D 60 -37.62 -6.80 -13.97
C THR D 60 -38.37 -7.97 -13.41
N ILE D 61 -39.39 -7.69 -12.60
CA ILE D 61 -40.21 -8.73 -11.96
C ILE D 61 -41.67 -8.46 -12.16
N ASP D 62 -42.41 -9.50 -12.42
CA ASP D 62 -43.90 -9.42 -12.42
C ASP D 62 -44.45 -10.72 -11.98
N VAL D 63 -44.88 -10.82 -10.74
CA VAL D 63 -45.16 -12.13 -10.17
C VAL D 63 -46.37 -12.75 -10.78
N GLU D 64 -47.42 -11.95 -10.96
CA GLU D 64 -48.69 -12.48 -11.49
C GLU D 64 -48.75 -12.61 -13.02
N GLY D 65 -47.91 -11.85 -13.71
CA GLY D 65 -47.76 -11.95 -15.12
C GLY D 65 -48.74 -11.10 -15.89
N ASP D 66 -49.61 -10.38 -15.16
CA ASP D 66 -50.66 -9.60 -15.82
C ASP D 66 -50.35 -8.12 -16.00
N LYS D 67 -49.11 -7.70 -15.76
CA LYS D 67 -48.62 -6.33 -15.97
C LYS D 67 -49.22 -5.35 -15.00
N GLN D 68 -50.02 -5.80 -14.06
CA GLN D 68 -50.60 -4.85 -13.15
C GLN D 68 -49.57 -4.32 -12.18
N ASN D 69 -48.62 -5.18 -11.75
CA ASN D 69 -47.61 -4.79 -10.76
C ASN D 69 -46.23 -5.15 -11.27
N GLN D 70 -45.74 -4.35 -12.18
CA GLN D 70 -44.45 -4.57 -12.73
C GLN D 70 -43.49 -3.91 -11.78
N PHE D 71 -42.47 -4.61 -11.35
CA PHE D 71 -41.37 -3.94 -10.64
C PHE D 71 -40.10 -3.83 -11.48
N VAL D 72 -39.52 -2.64 -11.53
CA VAL D 72 -38.19 -2.45 -12.11
C VAL D 72 -37.25 -2.04 -10.96
N LEU D 73 -36.15 -2.77 -10.78
CA LEU D 73 -35.19 -2.40 -9.79
C LEU D 73 -33.87 -2.17 -10.45
N ILE D 74 -33.42 -0.92 -10.45
CA ILE D 74 -32.10 -0.60 -10.99
C ILE D 74 -31.17 -0.21 -9.88
N ASN D 75 -29.96 -0.74 -9.94
CA ASN D 75 -29.01 -0.60 -8.86
C ASN D 75 -29.59 -0.89 -7.51
N PRO D 76 -30.25 -2.03 -7.34
CA PRO D 76 -30.87 -2.33 -6.06
C PRO D 76 -29.88 -2.47 -4.91
N GLU D 77 -30.30 -2.15 -3.67
CA GLU D 77 -29.59 -2.60 -2.48
C GLU D 77 -30.57 -3.01 -1.38
N ILE D 78 -30.28 -4.14 -0.78
CA ILE D 78 -31.06 -4.65 0.30
C ILE D 78 -30.75 -3.85 1.56
N LEU D 79 -31.74 -3.18 2.12
CA LEU D 79 -31.52 -2.47 3.38
C LEU D 79 -31.77 -3.31 4.64
N ALA D 80 -32.56 -4.37 4.51
CA ALA D 80 -33.05 -5.13 5.67
C ALA D 80 -33.79 -6.37 5.21
N SER D 81 -34.00 -7.30 6.15
CA SER D 81 -34.62 -8.61 5.87
C SER D 81 -34.91 -9.42 7.14
N GLU D 82 -35.79 -10.41 7.05
CA GLU D 82 -36.00 -11.32 8.17
C GLU D 82 -36.85 -12.56 7.79
N GLY D 83 -36.91 -13.55 8.68
CA GLY D 83 -37.66 -14.79 8.42
C GLY D 83 -36.95 -15.67 7.38
N GLU D 84 -37.64 -16.70 6.91
CA GLU D 84 -37.13 -17.48 5.81
C GLU D 84 -38.28 -18.09 5.07
N THR D 85 -38.11 -18.26 3.77
CA THR D 85 -39.01 -19.09 3.05
C THR D 85 -38.29 -20.38 2.69
N GLY D 86 -39.10 -21.45 2.68
CA GLY D 86 -38.74 -22.74 2.14
C GLY D 86 -39.58 -23.00 0.90
N ILE D 87 -39.19 -22.39 -0.20
CA ILE D 87 -39.85 -22.63 -1.46
C ILE D 87 -38.84 -22.96 -2.55
N GLU D 88 -39.11 -24.02 -3.31
CA GLU D 88 -38.23 -24.38 -4.39
C GLU D 88 -38.43 -23.36 -5.53
N GLU D 89 -37.32 -22.82 -6.01
CA GLU D 89 -37.25 -21.74 -6.98
C GLU D 89 -36.88 -22.23 -8.33
N GLY D 90 -37.37 -21.55 -9.37
CA GLY D 90 -36.92 -21.80 -10.71
C GLY D 90 -36.17 -20.60 -11.29
N CYS D 91 -35.72 -20.74 -12.53
CA CYS D 91 -35.03 -19.72 -13.29
C CYS D 91 -35.09 -20.06 -14.76
N LEU D 92 -35.43 -19.07 -15.60
CA LEU D 92 -35.48 -19.29 -17.05
C LEU D 92 -34.13 -19.62 -17.63
N SER D 93 -33.05 -19.28 -16.94
CA SER D 93 -31.74 -19.64 -17.42
C SER D 93 -31.32 -21.03 -17.03
N ILE D 94 -32.06 -21.68 -16.16
CA ILE D 94 -31.83 -23.06 -15.73
C ILE D 94 -33.14 -23.85 -15.95
N PRO D 95 -33.57 -23.96 -17.20
CA PRO D 95 -34.94 -24.43 -17.43
C PRO D 95 -35.13 -25.90 -17.06
N GLY D 96 -36.26 -26.19 -16.43
CA GLY D 96 -36.61 -27.52 -15.99
C GLY D 96 -36.16 -27.91 -14.58
N PHE D 97 -35.46 -27.04 -13.85
CA PHE D 97 -34.97 -27.36 -12.50
C PHE D 97 -35.38 -26.33 -11.49
N ARG D 98 -35.76 -26.82 -10.31
CA ARG D 98 -35.99 -25.94 -9.17
CA ARG D 98 -36.03 -25.97 -9.16
C ARG D 98 -35.19 -26.45 -7.99
N ALA D 99 -34.85 -25.53 -7.09
CA ALA D 99 -34.09 -25.87 -5.88
C ALA D 99 -34.52 -24.98 -4.72
N LEU D 100 -34.47 -25.59 -3.53
CA LEU D 100 -34.71 -24.87 -2.31
CA LEU D 100 -34.68 -24.89 -2.29
C LEU D 100 -33.42 -24.08 -2.02
N VAL D 101 -33.55 -22.78 -1.86
CA VAL D 101 -32.42 -21.93 -1.53
C VAL D 101 -32.87 -21.22 -0.26
N PRO D 102 -31.98 -21.05 0.70
CA PRO D 102 -32.38 -20.21 1.86
C PRO D 102 -32.48 -18.73 1.45
N ARG D 103 -33.66 -18.20 1.57
CA ARG D 103 -33.98 -16.85 1.26
C ARG D 103 -34.58 -16.18 2.50
N LYS D 104 -34.61 -14.86 2.48
CA LYS D 104 -35.30 -14.14 3.52
C LYS D 104 -36.79 -14.01 3.20
N GLU D 105 -37.63 -14.23 4.22
CA GLU D 105 -39.11 -14.15 4.01
C GLU D 105 -39.54 -12.74 3.57
N LYS D 106 -38.91 -11.72 4.17
CA LYS D 106 -39.32 -10.34 3.92
C LYS D 106 -38.07 -9.59 3.68
N VAL D 107 -38.11 -8.63 2.74
CA VAL D 107 -36.96 -7.78 2.51
C VAL D 107 -37.38 -6.34 2.24
N THR D 108 -36.50 -5.42 2.58
CA THR D 108 -36.63 -4.00 2.22
C THR D 108 -35.52 -3.65 1.24
N VAL D 109 -35.92 -3.24 0.03
CA VAL D 109 -34.97 -2.94 -1.06
CA VAL D 109 -34.96 -2.95 -1.03
C VAL D 109 -35.13 -1.51 -1.47
N ARG D 110 -34.00 -0.85 -1.70
CA ARG D 110 -33.92 0.42 -2.32
C ARG D 110 -33.33 0.31 -3.71
N ALA D 111 -33.89 1.05 -4.66
CA ALA D 111 -33.48 1.02 -6.05
C ALA D 111 -34.01 2.20 -6.87
N LEU D 112 -33.58 2.30 -8.12
CA LEU D 112 -34.15 3.22 -9.12
C LEU D 112 -35.23 2.54 -9.98
N ASP D 113 -36.35 3.20 -10.21
CA ASP D 113 -37.37 2.68 -11.09
C ASP D 113 -36.99 2.97 -12.55
N ARG D 114 -37.86 2.64 -13.48
CA ARG D 114 -37.50 2.80 -14.91
C ARG D 114 -37.28 4.28 -15.39
N ASP D 115 -37.83 5.26 -14.67
CA ASP D 115 -37.56 6.66 -14.96
C ASP D 115 -36.44 7.22 -14.14
N GLY D 116 -35.70 6.36 -13.41
CA GLY D 116 -34.53 6.84 -12.70
C GLY D 116 -34.91 7.39 -11.31
N LYS D 117 -36.12 7.18 -10.82
CA LYS D 117 -36.42 7.70 -9.50
C LYS D 117 -36.15 6.69 -8.39
N GLU D 118 -35.64 7.17 -7.25
CA GLU D 118 -35.36 6.31 -6.12
C GLU D 118 -36.66 5.88 -5.41
N PHE D 119 -36.74 4.61 -4.98
CA PHE D 119 -37.85 4.11 -4.16
C PHE D 119 -37.32 3.11 -3.15
N THR D 120 -38.13 2.82 -2.13
CA THR D 120 -37.85 1.79 -1.15
C THR D 120 -39.06 0.89 -1.13
N LEU D 121 -38.84 -0.42 -1.18
CA LEU D 121 -39.93 -1.39 -1.35
C LEU D 121 -39.91 -2.46 -0.25
N ASP D 122 -41.02 -2.68 0.41
CA ASP D 122 -41.05 -3.72 1.40
C ASP D 122 -41.74 -4.93 0.76
N ALA D 123 -41.04 -6.06 0.64
CA ALA D 123 -41.51 -7.21 -0.12
C ALA D 123 -41.61 -8.43 0.77
N ASP D 124 -42.60 -9.29 0.48
CA ASP D 124 -42.67 -10.60 1.10
C ASP D 124 -43.03 -11.69 0.09
N GLY D 125 -43.11 -12.91 0.61
CA GLY D 125 -43.44 -14.10 -0.14
C GLY D 125 -42.64 -14.23 -1.42
N LEU D 126 -43.31 -14.61 -2.47
CA LEU D 126 -42.59 -14.90 -3.70
C LEU D 126 -41.87 -13.64 -4.20
N LEU D 127 -42.50 -12.48 -4.04
CA LEU D 127 -41.89 -11.28 -4.57
C LEU D 127 -40.52 -11.07 -3.92
N ALA D 128 -40.37 -11.38 -2.64
CA ALA D 128 -39.10 -11.18 -1.95
C ALA D 128 -38.08 -12.20 -2.39
N ILE D 129 -38.55 -13.41 -2.62
CA ILE D 129 -37.74 -14.48 -3.19
C ILE D 129 -37.19 -14.01 -4.55
N CYS D 130 -38.08 -13.55 -5.41
CA CYS D 130 -37.67 -13.08 -6.71
C CYS D 130 -36.58 -12.00 -6.60
N ILE D 131 -36.80 -10.99 -5.76
CA ILE D 131 -35.83 -9.96 -5.57
C ILE D 131 -34.42 -10.48 -5.22
N GLN D 132 -34.35 -11.39 -4.27
CA GLN D 132 -33.12 -11.95 -3.83
C GLN D 132 -32.50 -12.84 -4.86
N HIS D 133 -33.32 -13.59 -5.59
CA HIS D 133 -32.83 -14.43 -6.68
C HIS D 133 -32.25 -13.55 -7.76
N GLU D 134 -32.95 -12.46 -8.11
CA GLU D 134 -32.51 -11.62 -9.23
C GLU D 134 -31.25 -10.81 -8.90
N ILE D 135 -31.15 -10.37 -7.65
CA ILE D 135 -29.94 -9.73 -7.18
C ILE D 135 -28.75 -10.70 -7.24
N ASP D 136 -28.95 -11.96 -6.88
CA ASP D 136 -27.87 -12.97 -7.06
C ASP D 136 -27.36 -12.94 -8.49
N HIS D 137 -28.25 -12.83 -9.48
CA HIS D 137 -27.74 -12.81 -10.86
C HIS D 137 -26.79 -11.66 -11.09
N LEU D 138 -27.18 -10.47 -10.60
CA LEU D 138 -26.36 -9.27 -10.68
C LEU D 138 -24.99 -9.42 -10.05
N ASN D 139 -24.88 -10.38 -9.14
CA ASN D 139 -23.65 -10.72 -8.48
C ASN D 139 -23.05 -12.03 -8.98
N GLY D 140 -23.42 -12.48 -10.17
CA GLY D 140 -22.86 -13.64 -10.77
C GLY D 140 -23.16 -14.94 -10.03
N ILE D 141 -24.28 -15.00 -9.33
CA ILE D 141 -24.67 -16.16 -8.56
C ILE D 141 -25.98 -16.79 -9.07
N LEU D 142 -25.96 -18.11 -9.25
CA LEU D 142 -27.10 -18.89 -9.71
C LEU D 142 -27.60 -19.85 -8.66
N PHE D 143 -28.84 -20.32 -8.79
CA PHE D 143 -29.41 -21.18 -7.72
C PHE D 143 -28.64 -22.47 -7.60
N VAL D 144 -28.06 -22.92 -8.70
CA VAL D 144 -27.26 -24.19 -8.69
C VAL D 144 -25.96 -24.00 -7.86
N ASP D 145 -25.57 -22.75 -7.56
CA ASP D 145 -24.37 -22.51 -6.81
C ASP D 145 -24.63 -22.81 -5.34
N TYR D 146 -25.88 -22.91 -4.90
CA TYR D 146 -26.15 -23.34 -3.52
C TYR D 146 -26.25 -24.89 -3.39
N LEU D 147 -26.25 -25.60 -4.52
CA LEU D 147 -26.36 -27.05 -4.54
C LEU D 147 -25.01 -27.73 -4.39
N SER D 148 -25.08 -29.02 -4.08
CA SER D 148 -23.87 -29.85 -4.01
C SER D 148 -23.19 -29.87 -5.38
N PRO D 149 -21.86 -30.04 -5.42
CA PRO D 149 -21.16 -30.18 -6.70
C PRO D 149 -21.82 -31.17 -7.65
N LEU D 150 -22.31 -32.26 -7.07
CA LEU D 150 -22.87 -33.34 -7.85
C LEU D 150 -24.22 -32.91 -8.46
N LYS D 151 -25.08 -32.32 -7.65
CA LYS D 151 -26.34 -31.83 -8.20
C LYS D 151 -26.11 -30.77 -9.27
N ARG D 152 -25.23 -29.81 -8.98
CA ARG D 152 -24.89 -28.79 -10.00
C ARG D 152 -24.37 -29.44 -11.28
N GLN D 153 -23.41 -30.36 -11.15
CA GLN D 153 -22.81 -30.95 -12.37
C GLN D 153 -23.86 -31.70 -13.20
N ARG D 154 -24.78 -32.42 -12.56
CA ARG D 154 -25.83 -33.10 -13.32
C ARG D 154 -26.71 -32.10 -14.08
N ILE D 155 -27.11 -31.00 -13.44
CA ILE D 155 -27.88 -30.01 -14.19
C ILE D 155 -27.05 -29.53 -15.38
N LYS D 156 -25.80 -29.18 -15.13
CA LYS D 156 -25.01 -28.65 -16.19
C LYS D 156 -24.96 -29.58 -17.40
N GLU D 157 -24.73 -30.86 -17.15
CA GLU D 157 -24.67 -31.86 -18.23
C GLU D 157 -25.95 -31.93 -19.04
N LYS D 158 -27.08 -31.99 -18.33
CA LYS D 158 -28.38 -32.05 -18.98
C LYS D 158 -28.64 -30.79 -19.77
N LEU D 159 -28.24 -29.65 -19.24
CA LEU D 159 -28.50 -28.41 -20.00
C LEU D 159 -27.58 -28.23 -21.21
N ILE D 160 -26.34 -28.67 -21.09
CA ILE D 160 -25.52 -28.77 -22.32
C ILE D 160 -26.25 -29.52 -23.41
N LYS D 161 -26.86 -30.65 -23.07
CA LYS D 161 -27.66 -31.37 -24.07
C LYS D 161 -28.90 -30.62 -24.54
N TYR D 162 -29.67 -30.07 -23.61
CA TYR D 162 -30.86 -29.28 -24.00
C TYR D 162 -30.54 -28.15 -25.00
N LYS D 163 -29.49 -27.37 -24.66
CA LYS D 163 -29.11 -26.20 -25.47
C LYS D 163 -28.83 -26.60 -26.93
N LYS D 164 -28.19 -27.75 -27.11
CA LYS D 164 -27.97 -28.28 -28.47
C LYS D 164 -29.28 -28.67 -29.15
N GLN D 165 -30.19 -29.32 -28.44
CA GLN D 165 -31.48 -29.71 -29.04
C GLN D 165 -32.27 -28.49 -29.58
N ILE D 166 -32.13 -27.28 -28.99
CA ILE D 166 -32.64 -26.06 -29.64
C ILE D 166 -31.51 -25.33 -30.41
NI NI E . 5.38 8.86 6.04
C1 GOL F . 0.14 6.07 10.47
O1 GOL F . 0.06 4.90 9.68
C2 GOL F . 1.45 6.79 10.16
O2 GOL F . 1.77 7.49 11.37
C3 GOL F . 1.38 7.78 8.98
O3 GOL F . 0.69 7.31 7.82
NI NI G . 34.05 15.87 8.33
C1 GOL H . 37.61 16.80 12.76
O1 GOL H . 38.76 17.35 13.44
C2 GOL H . 37.90 16.29 11.32
O2 GOL H . 38.80 17.12 10.50
C3 GOL H . 38.50 14.87 11.39
O3 GOL H . 37.78 14.06 12.32
NI NI I . -6.04 -7.73 -7.71
C1 GOL J . -3.77 -7.07 -3.47
O1 GOL J . -3.14 -8.31 -3.23
C2 GOL J . -2.74 -5.97 -3.40
O2 GOL J . -2.32 -5.66 -4.74
C3 GOL J . -3.29 -4.77 -2.64
O3 GOL J . -2.65 -3.60 -3.16
NI NI K . -32.84 -16.62 -12.44
C1 GOL L . -36.51 -15.31 -9.41
O1 GOL L . -37.42 -14.39 -10.00
C2 GOL L . -37.05 -16.72 -9.42
O2 GOL L . -38.06 -17.01 -8.39
C3 GOL L . -37.58 -16.72 -10.84
O3 GOL L . -37.83 -18.04 -11.16
C1 GOL M . -43.72 -22.43 -8.04
O1 GOL M . -44.70 -21.41 -7.68
C2 GOL M . -42.32 -22.24 -7.40
O2 GOL M . -41.23 -22.77 -8.17
C3 GOL M . -41.98 -20.78 -7.06
O3 GOL M . -42.09 -19.93 -8.20
#